data_5FUY
#
_entry.id   5FUY
#
_cell.length_a   87.614
_cell.length_b   96.999
_cell.length_c   304.431
_cell.angle_alpha   90.00
_cell.angle_beta   90.00
_cell.angle_gamma   90.00
#
_symmetry.space_group_name_H-M   'C 2 2 21'
#
loop_
_entity.id
_entity.type
_entity.pdbx_description
1 polymer 'THYMDINE KINASE'
2 non-polymer 'PHOSPHATE ION'
3 non-polymer '[(2R,3S,5R)-3-HYDROXY-5-[(5S)-5-METHYL-2,4-DIOXO-1,3-DIAZINAN-1-YL]OXOLAN-2-YL]METHYL DIHYDROGEN PHOSPHATE'
4 non-polymer 'ZINC ION'
5 water water
#
_entity_poly.entity_id   1
_entity_poly.type   'polypeptide(L)'
_entity_poly.pdbx_seq_one_letter_code
;AHGRIELIIGPMFAGKTTELMRRVQRHKHAQRSCYIIKYTGDTRYSEGAITSHDQRALTANVSVSNLHDVGDEWRKYDVI
AVDEGQFFPDVAAFCSKAADSGKVVIVSALDADYLQEPFEEICLLVSRADSVVKLSAVCMECHNRKASFTYRTVKSDERK
LVGGSDMYMSVCRSCYETKRNMA
;
_entity_poly.pdbx_strand_id   A,B,C,D,E,F
#
# COMPACT_ATOMS: atom_id res chain seq x y z
N HIS A 2 -5.71 -9.96 17.31
CA HIS A 2 -4.25 -9.61 17.07
C HIS A 2 -3.65 -10.17 15.75
N GLY A 3 -4.33 -9.92 14.63
CA GLY A 3 -3.73 -10.21 13.32
C GLY A 3 -2.66 -9.21 12.94
N ARG A 4 -1.80 -9.61 12.03
CA ARG A 4 -0.66 -8.80 11.65
C ARG A 4 -0.29 -9.17 10.25
N ILE A 5 0.41 -8.28 9.58
CA ILE A 5 1.04 -8.61 8.31
C ILE A 5 2.52 -8.30 8.38
N GLU A 6 3.34 -9.30 8.09
CA GLU A 6 4.77 -9.16 8.09
C GLU A 6 5.24 -9.41 6.68
N LEU A 7 6.12 -8.55 6.20
CA LEU A 7 6.56 -8.57 4.84
C LEU A 7 8.09 -8.64 4.83
N ILE A 8 8.61 -9.56 4.02
CA ILE A 8 10.01 -9.79 3.83
C ILE A 8 10.32 -9.55 2.36
N ILE A 9 11.15 -8.55 2.08
CA ILE A 9 11.46 -8.19 0.69
C ILE A 9 12.94 -8.16 0.51
N GLY A 10 13.38 -7.83 -0.69
CA GLY A 10 14.80 -7.83 -1.03
C GLY A 10 14.97 -8.50 -2.38
N PRO A 11 16.17 -8.45 -2.94
CA PRO A 11 16.43 -9.10 -4.21
C PRO A 11 16.58 -10.60 -4.08
N MET A 12 16.77 -11.27 -5.21
CA MET A 12 16.99 -12.70 -5.23
C MET A 12 18.26 -13.04 -4.47
N PHE A 13 18.28 -14.22 -3.89
CA PHE A 13 19.44 -14.78 -3.20
C PHE A 13 19.76 -14.09 -1.88
N ALA A 14 18.76 -13.44 -1.31
CA ALA A 14 18.90 -12.74 -0.05
C ALA A 14 18.42 -13.59 1.10
N GLY A 15 17.88 -14.75 0.77
CA GLY A 15 17.38 -15.66 1.78
C GLY A 15 16.01 -15.31 2.28
N LYS A 16 15.19 -14.64 1.47
CA LYS A 16 13.84 -14.28 1.90
C LYS A 16 13.00 -15.52 2.27
N THR A 17 13.07 -16.55 1.45
CA THR A 17 12.31 -17.77 1.71
C THR A 17 12.82 -18.47 2.97
N THR A 18 14.14 -18.53 3.13
CA THR A 18 14.71 -19.01 4.38
C THR A 18 14.18 -18.26 5.62
N GLU A 19 14.07 -16.95 5.52
CA GLU A 19 13.60 -16.14 6.64
C GLU A 19 12.14 -16.41 6.92
N LEU A 20 11.37 -16.55 5.86
CA LEU A 20 9.95 -16.89 5.98
C LEU A 20 9.80 -18.18 6.76
N MET A 21 10.58 -19.18 6.37
CA MET A 21 10.53 -20.47 6.99
C MET A 21 11.06 -20.44 8.40
N ARG A 22 12.07 -19.63 8.66
CA ARG A 22 12.56 -19.46 10.03
C ARG A 22 11.41 -18.99 10.91
N ARG A 23 10.64 -18.04 10.43
CA ARG A 23 9.57 -17.48 11.23
C ARG A 23 8.45 -18.46 11.43
N VAL A 24 8.08 -19.15 10.37
CA VAL A 24 7.06 -20.21 10.45
C VAL A 24 7.47 -21.29 11.47
N GLN A 25 8.71 -21.75 11.39
CA GLN A 25 9.21 -22.78 12.30
C GLN A 25 9.10 -22.37 13.74
N ARG A 26 9.35 -21.09 14.05
CA ARG A 26 9.17 -20.59 15.40
C ARG A 26 7.75 -20.83 15.90
N HIS A 27 6.77 -20.51 15.06
CA HIS A 27 5.38 -20.65 15.44
C HIS A 27 5.01 -22.12 15.58
N LYS A 28 5.53 -22.94 14.68
CA LYS A 28 5.31 -24.39 14.74
C LYS A 28 5.78 -25.01 16.07
N HIS A 29 6.94 -24.59 16.56
CA HIS A 29 7.44 -25.07 17.84
C HIS A 29 6.53 -24.71 18.99
N ALA A 30 5.78 -23.63 18.88
CA ALA A 30 4.79 -23.25 19.88
C ALA A 30 3.40 -23.82 19.59
N GLN A 31 3.33 -24.86 18.76
CA GLN A 31 2.07 -25.55 18.44
C GLN A 31 1.04 -24.63 17.79
N ARG A 32 1.50 -23.67 17.00
CA ARG A 32 0.58 -22.83 16.25
C ARG A 32 0.51 -23.46 14.83
N SER A 33 -0.68 -23.47 14.26
CA SER A 33 -0.92 -24.13 12.96
C SER A 33 -0.54 -23.18 11.83
N CYS A 34 0.21 -23.69 10.86
CA CYS A 34 0.71 -22.85 9.76
C CYS A 34 0.31 -23.39 8.41
N TYR A 35 -0.12 -22.49 7.53
CA TYR A 35 -0.62 -22.83 6.20
C TYR A 35 0.27 -22.13 5.22
N ILE A 36 0.97 -22.89 4.41
CA ILE A 36 1.97 -22.35 3.51
C ILE A 36 1.48 -22.41 2.08
N ILE A 37 1.43 -21.24 1.47
CA ILE A 37 0.97 -21.05 0.10
C ILE A 37 2.18 -20.75 -0.80
N LYS A 38 2.31 -21.55 -1.86
CA LYS A 38 3.33 -21.37 -2.89
C LYS A 38 2.64 -21.11 -4.23
N TYR A 39 3.40 -20.61 -5.17
CA TYR A 39 2.90 -20.34 -6.51
C TYR A 39 3.04 -21.57 -7.41
N THR A 40 2.07 -21.76 -8.29
CA THR A 40 2.05 -22.90 -9.22
C THR A 40 3.10 -22.74 -10.28
N ALA A 57 1.09 -30.10 15.95
CA ALA A 57 0.87 -28.84 15.24
C ALA A 57 0.87 -29.05 13.74
N LEU A 58 -0.19 -28.61 13.06
CA LEU A 58 -0.36 -28.91 11.63
C LEU A 58 0.26 -27.84 10.77
N THR A 59 1.00 -28.29 9.75
CA THR A 59 1.42 -27.45 8.65
C THR A 59 0.81 -28.01 7.38
N ALA A 60 0.03 -27.17 6.69
CA ALA A 60 -0.61 -27.50 5.39
C ALA A 60 0.12 -26.74 4.30
N ASN A 61 0.20 -27.33 3.12
CA ASN A 61 0.85 -26.73 1.96
C ASN A 61 -0.09 -26.74 0.77
N VAL A 62 0.01 -25.74 -0.08
CA VAL A 62 -0.84 -25.67 -1.26
C VAL A 62 -0.11 -24.85 -2.30
N SER A 63 -0.31 -25.17 -3.57
CA SER A 63 0.24 -24.37 -4.65
C SER A 63 -0.93 -23.86 -5.47
N VAL A 64 -0.96 -22.57 -5.72
CA VAL A 64 -2.02 -21.98 -6.54
C VAL A 64 -1.42 -20.91 -7.40
N SER A 65 -2.23 -20.43 -8.33
CA SER A 65 -1.84 -19.41 -9.29
C SER A 65 -2.39 -18.06 -8.89
N ASN A 66 -3.46 -18.09 -8.11
CA ASN A 66 -3.89 -16.90 -7.37
C ASN A 66 -4.58 -17.28 -6.08
N LEU A 67 -4.70 -16.31 -5.20
CA LEU A 67 -5.05 -16.61 -3.82
C LEU A 67 -6.54 -16.90 -3.64
N HIS A 68 -7.37 -16.46 -4.60
CA HIS A 68 -8.80 -16.81 -4.62
C HIS A 68 -8.96 -18.33 -4.63
N ASP A 69 -8.08 -18.99 -5.36
CA ASP A 69 -8.12 -20.44 -5.51
C ASP A 69 -7.82 -21.24 -4.25
N VAL A 70 -7.38 -20.58 -3.19
CA VAL A 70 -7.12 -21.25 -1.92
C VAL A 70 -8.43 -21.47 -1.16
N GLY A 71 -9.44 -20.70 -1.53
CA GLY A 71 -10.72 -20.81 -0.88
C GLY A 71 -10.61 -20.43 0.57
N ASP A 72 -11.30 -21.17 1.43
CA ASP A 72 -11.43 -20.81 2.84
C ASP A 72 -10.65 -21.70 3.81
N GLU A 73 -9.82 -22.60 3.26
CA GLU A 73 -9.08 -23.57 4.08
C GLU A 73 -8.15 -22.86 5.11
N TRP A 74 -7.55 -21.76 4.66
CA TRP A 74 -6.69 -20.92 5.50
C TRP A 74 -7.31 -20.48 6.81
N ARG A 75 -8.65 -20.40 6.90
CA ARG A 75 -9.28 -19.93 8.13
C ARG A 75 -9.05 -20.86 9.32
N LYS A 76 -8.74 -22.12 9.06
CA LYS A 76 -8.52 -23.09 10.13
C LYS A 76 -7.15 -22.94 10.83
N TYR A 77 -6.32 -22.00 10.37
CA TYR A 77 -4.88 -21.91 10.79
C TYR A 77 -4.54 -20.59 11.47
N ASP A 78 -3.51 -20.60 12.30
CA ASP A 78 -3.08 -19.43 13.06
C ASP A 78 -2.19 -18.52 12.23
N VAL A 79 -1.34 -19.13 11.43
CA VAL A 79 -0.35 -18.44 10.63
C VAL A 79 -0.53 -18.80 9.17
N ILE A 80 -0.49 -17.78 8.31
CA ILE A 80 -0.55 -17.95 6.86
C ILE A 80 0.76 -17.41 6.30
N ALA A 81 1.45 -18.24 5.53
CA ALA A 81 2.70 -17.85 4.90
C ALA A 81 2.54 -17.89 3.39
N VAL A 82 2.91 -16.81 2.72
CA VAL A 82 2.88 -16.74 1.26
C VAL A 82 4.29 -16.51 0.76
N ASP A 83 4.75 -17.44 -0.05
CA ASP A 83 6.09 -17.38 -0.64
C ASP A 83 5.96 -16.85 -2.07
N GLU A 84 6.95 -16.10 -2.54
CA GLU A 84 6.94 -15.55 -3.93
C GLU A 84 5.73 -14.66 -4.20
N GLY A 85 5.49 -13.77 -3.26
CA GLY A 85 4.30 -12.94 -3.29
C GLY A 85 4.13 -12.10 -4.54
N GLN A 86 5.23 -11.75 -5.20
CA GLN A 86 5.16 -10.95 -6.41
C GLN A 86 4.39 -11.63 -7.58
N PHE A 87 4.28 -12.96 -7.53
CA PHE A 87 3.56 -13.72 -8.55
C PHE A 87 2.05 -13.68 -8.37
N PHE A 88 1.56 -13.27 -7.21
CA PHE A 88 0.12 -13.27 -6.99
C PHE A 88 -0.47 -11.90 -7.17
N PRO A 89 -1.35 -11.76 -8.16
CA PRO A 89 -1.85 -10.41 -8.41
C PRO A 89 -2.80 -9.88 -7.33
N ASP A 90 -3.33 -10.72 -6.46
CA ASP A 90 -4.35 -10.28 -5.50
C ASP A 90 -3.83 -10.36 -4.05
N VAL A 91 -2.52 -10.37 -3.90
CA VAL A 91 -1.91 -10.67 -2.60
C VAL A 91 -2.26 -9.67 -1.51
N ALA A 92 -2.38 -8.41 -1.87
CA ALA A 92 -2.65 -7.39 -0.87
C ALA A 92 -4.00 -7.62 -0.21
N ALA A 93 -5.01 -7.79 -1.04
CA ALA A 93 -6.38 -8.03 -0.56
C ALA A 93 -6.42 -9.27 0.32
N PHE A 94 -5.76 -10.33 -0.14
CA PHE A 94 -5.74 -11.58 0.60
C PHE A 94 -5.15 -11.38 1.98
N CYS A 95 -4.00 -10.75 2.04
CA CYS A 95 -3.33 -10.56 3.31
C CYS A 95 -4.17 -9.74 4.27
N SER A 96 -4.77 -8.67 3.75
CA SER A 96 -5.63 -7.81 4.56
C SER A 96 -6.84 -8.57 5.12
N LYS A 97 -7.49 -9.37 4.27
CA LYS A 97 -8.65 -10.20 4.71
C LYS A 97 -8.22 -11.13 5.83
N ALA A 98 -7.10 -11.82 5.62
CA ALA A 98 -6.60 -12.77 6.61
C ALA A 98 -6.19 -12.10 7.91
N ALA A 99 -5.49 -10.98 7.82
CA ALA A 99 -5.04 -10.28 9.02
C ALA A 99 -6.22 -9.71 9.79
N ASP A 100 -7.22 -9.20 9.08
CA ASP A 100 -8.47 -8.77 9.75
C ASP A 100 -9.21 -9.92 10.47
N SER A 101 -9.03 -11.14 10.00
CA SER A 101 -9.61 -12.30 10.66
C SER A 101 -8.72 -12.80 11.79
N GLY A 102 -7.66 -12.08 12.13
CA GLY A 102 -6.83 -12.45 13.27
C GLY A 102 -5.63 -13.33 12.95
N LYS A 103 -5.35 -13.54 11.68
CA LYS A 103 -4.21 -14.37 11.30
C LYS A 103 -2.91 -13.57 11.32
N VAL A 104 -1.83 -14.25 11.67
CA VAL A 104 -0.49 -13.79 11.43
C VAL A 104 -0.14 -14.18 9.99
N VAL A 105 0.07 -13.16 9.15
CA VAL A 105 0.32 -13.32 7.72
C VAL A 105 1.75 -12.91 7.45
N ILE A 106 2.51 -13.81 6.87
CA ILE A 106 3.91 -13.58 6.57
C ILE A 106 4.09 -13.77 5.08
N VAL A 107 4.65 -12.76 4.44
CA VAL A 107 4.82 -12.78 2.98
C VAL A 107 6.27 -12.55 2.61
N SER A 108 6.81 -13.42 1.77
CA SER A 108 8.15 -13.24 1.19
C SER A 108 7.95 -12.87 -0.25
N ALA A 109 8.64 -11.83 -0.72
CA ALA A 109 8.43 -11.35 -2.08
C ALA A 109 9.53 -10.46 -2.54
N LEU A 110 9.72 -10.42 -3.85
CA LEU A 110 10.56 -9.44 -4.48
C LEU A 110 9.82 -8.11 -4.46
N ASP A 111 10.54 -7.07 -4.11
CA ASP A 111 9.98 -5.73 -4.18
C ASP A 111 10.19 -5.16 -5.57
N ALA A 112 11.24 -5.59 -6.26
CA ALA A 112 11.63 -5.05 -7.54
C ALA A 112 11.87 -6.13 -8.59
N ASP A 113 11.52 -5.82 -9.84
CA ASP A 113 11.82 -6.70 -10.98
C ASP A 113 13.22 -6.44 -11.49
N TYR A 114 13.60 -7.20 -12.51
CA TYR A 114 14.95 -7.12 -13.07
C TYR A 114 15.31 -5.79 -13.71
N LEU A 115 14.32 -4.94 -13.90
CA LEU A 115 14.51 -3.59 -14.44
C LEU A 115 14.44 -2.54 -13.34
N GLN A 116 14.49 -2.97 -12.09
CA GLN A 116 14.42 -2.09 -10.93
C GLN A 116 13.08 -1.41 -10.79
N GLU A 117 12.06 -1.96 -11.42
CA GLU A 117 10.73 -1.39 -11.31
C GLU A 117 10.00 -2.15 -10.22
N PRO A 118 9.14 -1.47 -9.46
CA PRO A 118 8.44 -2.13 -8.37
C PRO A 118 7.35 -3.06 -8.82
N PHE A 119 7.16 -4.14 -8.08
CA PHE A 119 5.94 -4.92 -8.17
C PHE A 119 4.89 -4.17 -7.38
N GLU A 120 3.93 -3.58 -8.09
CA GLU A 120 3.02 -2.57 -7.49
C GLU A 120 2.22 -3.15 -6.32
N GLU A 121 1.85 -4.41 -6.45
CA GLU A 121 1.06 -5.06 -5.43
C GLU A 121 1.85 -5.19 -4.09
N ILE A 122 3.15 -5.43 -4.19
CA ILE A 122 4.02 -5.63 -3.01
C ILE A 122 4.25 -4.30 -2.34
N CYS A 123 4.38 -3.27 -3.15
CA CYS A 123 4.44 -1.90 -2.65
C CYS A 123 3.20 -1.55 -1.82
N LEU A 124 2.04 -1.93 -2.32
CA LEU A 124 0.79 -1.71 -1.62
C LEU A 124 0.80 -2.46 -0.28
N LEU A 125 1.38 -3.64 -0.30
CA LEU A 125 1.50 -4.39 0.92
C LEU A 125 2.40 -3.67 1.95
N VAL A 126 3.46 -3.00 1.48
CA VAL A 126 4.33 -2.25 2.38
C VAL A 126 3.52 -1.31 3.25
N SER A 127 2.63 -0.56 2.61
CA SER A 127 1.78 0.41 3.30
C SER A 127 0.76 -0.22 4.27
N ARG A 128 0.44 -1.49 4.09
CA ARG A 128 -0.51 -2.20 4.98
C ARG A 128 0.15 -3.06 6.03
N ALA A 129 1.47 -3.16 5.98
CA ALA A 129 2.20 -4.12 6.81
C ALA A 129 2.59 -3.57 8.16
N ASP A 130 2.53 -4.42 9.17
CA ASP A 130 2.98 -4.06 10.53
C ASP A 130 4.50 -4.09 10.58
N SER A 131 5.11 -4.88 9.71
CA SER A 131 6.54 -5.11 9.76
C SER A 131 7.04 -5.22 8.34
N VAL A 132 8.14 -4.55 8.04
CA VAL A 132 8.76 -4.67 6.73
C VAL A 132 10.23 -4.80 6.92
N VAL A 133 10.81 -5.83 6.33
CA VAL A 133 12.22 -6.06 6.42
C VAL A 133 12.71 -6.29 5.03
N LYS A 134 13.72 -5.53 4.64
CA LYS A 134 14.30 -5.69 3.33
C LYS A 134 15.66 -6.31 3.51
N LEU A 135 15.78 -7.55 3.08
CA LEU A 135 17.05 -8.27 3.16
C LEU A 135 17.93 -7.93 2.00
N SER A 136 19.23 -8.18 2.17
CA SER A 136 20.16 -7.96 1.11
C SER A 136 20.80 -9.29 0.76
N ALA A 137 21.34 -9.34 -0.45
CA ALA A 137 22.17 -10.45 -0.90
C ALA A 137 23.60 -9.96 -0.93
N VAL A 138 24.49 -10.79 -1.43
CA VAL A 138 25.87 -10.37 -1.63
C VAL A 138 26.10 -10.25 -3.12
N CYS A 139 26.79 -9.20 -3.53
CA CYS A 139 26.97 -8.92 -4.95
C CYS A 139 27.68 -10.08 -5.61
N MET A 140 27.02 -10.71 -6.58
CA MET A 140 27.59 -11.87 -7.28
C MET A 140 28.59 -11.51 -8.36
N GLU A 141 28.68 -10.22 -8.67
CA GLU A 141 29.59 -9.70 -9.68
C GLU A 141 30.90 -9.27 -9.04
N CYS A 142 30.85 -8.36 -8.07
CA CYS A 142 32.09 -7.86 -7.47
C CYS A 142 32.48 -8.60 -6.21
N HIS A 143 31.53 -9.28 -5.59
CA HIS A 143 31.82 -10.10 -4.43
C HIS A 143 32.19 -9.34 -3.19
N ASN A 144 32.10 -8.03 -3.26
CA ASN A 144 32.60 -7.14 -2.19
C ASN A 144 31.59 -6.32 -1.41
N ARG A 145 30.36 -6.21 -1.91
CA ARG A 145 29.36 -5.34 -1.32
C ARG A 145 28.06 -6.08 -1.16
N LYS A 146 27.21 -5.52 -0.32
CA LYS A 146 25.84 -5.97 -0.20
C LYS A 146 25.10 -5.61 -1.49
N ALA A 147 24.17 -6.49 -1.86
CA ALA A 147 23.42 -6.39 -3.08
C ALA A 147 21.96 -6.21 -2.78
N SER A 148 21.38 -5.18 -3.39
CA SER A 148 19.95 -4.92 -3.24
C SER A 148 19.13 -5.05 -4.53
N PHE A 149 19.75 -5.54 -5.61
CA PHE A 149 19.11 -5.56 -6.93
C PHE A 149 19.33 -6.89 -7.63
N THR A 150 18.39 -7.22 -8.49
CA THR A 150 18.47 -8.46 -9.24
C THR A 150 18.66 -8.11 -10.67
N TYR A 151 19.71 -8.69 -11.25
CA TYR A 151 20.01 -8.52 -12.68
C TYR A 151 19.71 -9.81 -13.41
N ARG A 152 18.96 -9.70 -14.51
CA ARG A 152 18.67 -10.88 -15.36
C ARG A 152 19.80 -11.14 -16.34
N THR A 153 20.32 -12.37 -16.37
CA THR A 153 21.51 -12.66 -17.17
C THR A 153 21.16 -13.29 -18.51
N VAL A 154 19.89 -13.53 -18.77
CA VAL A 154 19.44 -14.05 -20.05
C VAL A 154 18.57 -13.02 -20.69
N LYS A 155 18.56 -13.01 -22.01
CA LYS A 155 17.76 -12.08 -22.81
C LYS A 155 16.33 -12.62 -22.81
N SER A 156 15.41 -11.81 -22.30
CA SER A 156 13.99 -12.11 -22.31
C SER A 156 13.30 -10.86 -21.82
N ASP A 157 12.17 -10.55 -22.44
CA ASP A 157 11.32 -9.43 -22.08
C ASP A 157 10.11 -9.83 -21.26
N GLU A 158 9.96 -11.12 -20.95
CA GLU A 158 8.86 -11.54 -20.08
C GLU A 158 9.11 -11.05 -18.66
N ARG A 159 8.17 -10.32 -18.05
CA ARG A 159 8.42 -9.82 -16.71
C ARG A 159 8.48 -11.02 -15.77
N LYS A 160 7.57 -11.98 -15.96
CA LYS A 160 7.60 -13.24 -15.20
C LYS A 160 8.45 -14.24 -15.94
N LEU A 161 9.55 -14.70 -15.31
CA LEU A 161 10.42 -15.73 -15.87
C LEU A 161 11.06 -16.47 -14.73
N VAL A 162 10.49 -17.63 -14.42
CA VAL A 162 10.87 -18.41 -13.26
C VAL A 162 12.23 -19.03 -13.50
N GLY A 163 13.11 -18.93 -12.50
CA GLY A 163 14.44 -19.50 -12.60
C GLY A 163 15.32 -19.08 -11.46
N GLY A 164 16.56 -19.57 -11.50
CA GLY A 164 17.55 -19.34 -10.46
C GLY A 164 18.81 -18.65 -10.98
N SER A 165 19.96 -19.09 -10.46
CA SER A 165 21.23 -18.46 -10.80
C SER A 165 21.66 -18.69 -12.25
N ASP A 166 20.97 -19.60 -12.94
CA ASP A 166 21.15 -19.78 -14.38
C ASP A 166 20.56 -18.61 -15.20
N MET A 167 19.65 -17.83 -14.61
CA MET A 167 18.98 -16.73 -15.29
C MET A 167 19.09 -15.37 -14.59
N TYR A 168 19.54 -15.37 -13.34
CA TYR A 168 19.62 -14.14 -12.55
C TYR A 168 20.81 -14.14 -11.63
N MET A 169 21.29 -12.94 -11.34
CA MET A 169 22.26 -12.74 -10.25
C MET A 169 21.90 -11.48 -9.49
N SER A 170 22.31 -11.45 -8.24
CA SER A 170 22.04 -10.29 -7.40
C SER A 170 23.26 -9.41 -7.42
N VAL A 171 23.04 -8.10 -7.48
CA VAL A 171 24.14 -7.14 -7.62
C VAL A 171 23.95 -5.90 -6.79
N CYS A 172 25.06 -5.27 -6.47
CA CYS A 172 25.06 -3.97 -5.79
C CYS A 172 24.67 -2.88 -6.79
N ARG A 173 24.49 -1.66 -6.29
CA ARG A 173 24.00 -0.56 -7.10
C ARG A 173 24.93 -0.28 -8.29
N SER A 174 26.23 -0.22 -8.05
CA SER A 174 27.14 0.16 -9.12
C SER A 174 27.34 -0.94 -10.14
N CYS A 175 27.38 -2.19 -9.69
CA CYS A 175 27.42 -3.31 -10.61
C CYS A 175 26.18 -3.35 -11.47
N TYR A 176 25.02 -3.11 -10.88
CA TYR A 176 23.81 -3.08 -11.69
C TYR A 176 23.95 -2.06 -12.83
N GLU A 177 24.51 -0.89 -12.55
CA GLU A 177 24.67 0.19 -13.56
C GLU A 177 25.63 -0.25 -14.67
N THR A 178 26.78 -0.77 -14.26
CA THR A 178 27.84 -1.13 -15.21
C THR A 178 27.30 -2.22 -16.12
N LYS A 179 26.68 -3.23 -15.54
CA LYS A 179 26.14 -4.32 -16.35
C LYS A 179 25.06 -3.83 -17.32
N ARG A 180 24.24 -2.89 -16.88
CA ARG A 180 23.17 -2.34 -17.73
C ARG A 180 23.77 -1.66 -18.96
N ASN A 181 24.89 -0.95 -18.78
CA ASN A 181 25.59 -0.34 -19.91
C ASN A 181 26.13 -1.42 -20.90
N MET A 182 25.41 -1.51 -22.02
CA MET A 182 25.69 -2.51 -23.06
C MET A 182 24.57 -2.35 -24.11
N GLY B 3 29.53 -7.26 8.91
CA GLY B 3 30.73 -7.13 9.76
C GLY B 3 31.85 -8.11 9.42
N ARG B 4 32.92 -8.04 10.24
CA ARG B 4 33.94 -9.08 10.38
C ARG B 4 33.66 -10.11 11.47
N ILE B 5 33.10 -9.76 12.64
CA ILE B 5 32.50 -10.75 13.55
C ILE B 5 31.04 -10.43 13.68
N GLU B 6 30.19 -11.39 13.31
CA GLU B 6 28.75 -11.26 13.40
C GLU B 6 28.27 -12.33 14.34
N LEU B 7 27.41 -11.93 15.25
CA LEU B 7 26.98 -12.77 16.33
C LEU B 7 25.47 -12.81 16.35
N ILE B 8 24.95 -14.03 16.40
CA ILE B 8 23.53 -14.32 16.43
C ILE B 8 23.22 -15.05 17.72
N ILE B 9 22.41 -14.43 18.57
CA ILE B 9 22.10 -14.99 19.87
C ILE B 9 20.62 -15.06 20.06
N GLY B 10 20.18 -15.53 21.21
CA GLY B 10 18.76 -15.72 21.48
C GLY B 10 18.59 -17.07 22.13
N PRO B 11 17.38 -17.37 22.62
CA PRO B 11 17.12 -18.65 23.23
C PRO B 11 16.95 -19.77 22.22
N MET B 12 16.76 -20.98 22.71
CA MET B 12 16.55 -22.13 21.84
C MET B 12 15.29 -21.91 21.04
N PHE B 13 15.27 -22.49 19.84
CA PHE B 13 14.08 -22.52 18.99
C PHE B 13 13.74 -21.16 18.37
N ALA B 14 14.74 -20.30 18.30
CA ALA B 14 14.60 -18.95 17.76
C ALA B 14 15.04 -18.93 16.30
N GLY B 15 15.55 -20.05 15.82
CA GLY B 15 16.05 -20.12 14.46
C GLY B 15 17.44 -19.53 14.27
N LYS B 16 18.26 -19.48 15.31
CA LYS B 16 19.63 -18.98 15.17
C LYS B 16 20.44 -19.73 14.12
N THR B 17 20.36 -21.04 14.13
CA THR B 17 21.11 -21.84 13.18
C THR B 17 20.60 -21.58 11.75
N THR B 18 19.28 -21.49 11.61
CA THR B 18 18.69 -21.14 10.31
C THR B 18 19.23 -19.82 9.80
N GLU B 19 19.36 -18.84 10.69
CA GLU B 19 19.85 -17.54 10.32
C GLU B 19 21.31 -17.59 9.91
N LEU B 20 22.08 -18.36 10.64
CA LEU B 20 23.49 -18.58 10.33
C LEU B 20 23.64 -19.12 8.94
N MET B 21 22.85 -20.14 8.64
CA MET B 21 22.86 -20.76 7.33
C MET B 21 22.34 -19.84 6.25
N ARG B 22 21.34 -19.02 6.55
CA ARG B 22 20.85 -18.05 5.59
C ARG B 22 22.00 -17.14 5.16
N ARG B 23 22.80 -16.71 6.13
CA ARG B 23 23.87 -15.80 5.83
C ARG B 23 24.96 -16.47 5.04
N VAL B 24 25.33 -17.67 5.45
CA VAL B 24 26.33 -18.45 4.75
C VAL B 24 25.92 -18.67 3.29
N GLN B 25 24.66 -19.04 3.08
CA GLN B 25 24.15 -19.30 1.74
C GLN B 25 24.27 -18.07 0.84
N ARG B 26 24.05 -16.88 1.40
CA ARG B 26 24.24 -15.65 0.63
C ARG B 26 25.65 -15.53 0.11
N HIS B 27 26.64 -15.82 0.95
CA HIS B 27 28.04 -15.75 0.55
C HIS B 27 28.40 -16.82 -0.46
N LYS B 28 27.87 -18.02 -0.26
CA LYS B 28 28.07 -19.13 -1.22
C LYS B 28 27.57 -18.77 -2.63
N HIS B 29 26.41 -18.11 -2.73
CA HIS B 29 25.92 -17.67 -4.03
C HIS B 29 26.83 -16.67 -4.73
N ALA B 30 27.62 -15.94 -3.97
CA ALA B 30 28.62 -15.04 -4.52
C ALA B 30 29.98 -15.70 -4.65
N GLN B 31 30.02 -17.03 -4.67
CA GLN B 31 31.27 -17.79 -4.88
C GLN B 31 32.30 -17.51 -3.82
N ARG B 32 31.85 -17.27 -2.60
CA ARG B 32 32.78 -17.11 -1.49
C ARG B 32 32.84 -18.43 -0.77
N SER B 33 34.02 -18.77 -0.30
CA SER B 33 34.26 -20.06 0.31
C SER B 33 33.91 -19.99 1.77
N CYS B 34 33.16 -20.98 2.24
CA CYS B 34 32.67 -21.01 3.61
C CYS B 34 33.09 -22.29 4.32
N TYR B 35 33.53 -22.12 5.57
CA TYR B 35 34.00 -23.23 6.39
C TYR B 35 33.10 -23.27 7.60
N ILE B 36 32.39 -24.37 7.77
CA ILE B 36 31.39 -24.51 8.81
C ILE B 36 31.87 -25.44 9.91
N ILE B 37 31.92 -24.89 11.12
CA ILE B 37 32.39 -25.58 12.30
C ILE B 37 31.21 -25.89 13.21
N LYS B 38 31.09 -27.17 13.57
CA LYS B 38 30.07 -27.65 14.49
C LYS B 38 30.76 -28.28 15.69
N TYR B 39 29.99 -28.45 16.76
CA TYR B 39 30.51 -29.06 17.98
C TYR B 39 30.35 -30.58 17.94
N THR B 40 31.34 -31.30 18.50
CA THR B 40 31.32 -32.77 18.58
C THR B 40 30.33 -33.08 19.72
N GLY B 41 29.26 -33.81 19.50
CA GLY B 41 28.19 -33.84 20.53
C GLY B 41 26.90 -33.40 19.87
N ASP B 42 26.94 -32.22 19.24
CA ASP B 42 25.76 -31.73 18.44
C ASP B 42 25.46 -32.56 17.17
N THR B 43 24.17 -32.81 16.91
CA THR B 43 23.69 -33.79 15.90
C THR B 43 22.78 -33.22 14.78
N THR B 59 25.75 -29.15 4.56
CA THR B 59 26.34 -27.98 5.18
C THR B 59 27.01 -28.30 6.54
N ALA B 60 28.16 -28.94 6.40
CA ALA B 60 29.15 -29.02 7.46
C ALA B 60 30.54 -29.17 6.88
N ASN B 61 31.54 -28.80 7.67
CA ASN B 61 32.93 -28.99 7.32
C ASN B 61 33.74 -29.74 8.31
N VAL B 62 33.66 -29.40 9.59
CA VAL B 62 34.30 -30.18 10.62
C VAL B 62 33.46 -30.12 11.87
N SER B 63 33.63 -31.15 12.69
CA SER B 63 33.08 -31.16 14.04
C SER B 63 34.26 -31.27 14.97
N VAL B 64 34.33 -30.39 15.96
CA VAL B 64 35.41 -30.43 16.93
C VAL B 64 34.82 -30.12 18.29
N SER B 65 35.63 -30.33 19.31
CA SER B 65 35.25 -30.10 20.70
C SER B 65 35.83 -28.79 21.19
N ASN B 66 36.89 -28.34 20.55
CA ASN B 66 37.33 -26.97 20.69
C ASN B 66 38.01 -26.47 19.43
N LEU B 67 38.15 -25.16 19.32
CA LEU B 67 38.50 -24.55 18.07
C LEU B 67 39.99 -24.68 17.73
N HIS B 68 40.82 -24.96 18.76
CA HIS B 68 42.25 -25.30 18.58
C HIS B 68 42.38 -26.46 17.59
N ASP B 69 41.48 -27.42 17.76
CA ASP B 69 41.50 -28.66 16.99
C ASP B 69 41.19 -28.49 15.50
N VAL B 70 40.73 -27.31 15.10
CA VAL B 70 40.49 -27.03 13.68
C VAL B 70 41.80 -26.76 12.95
N GLY B 71 42.84 -26.42 13.72
CA GLY B 71 44.12 -26.11 13.13
C GLY B 71 44.01 -24.91 12.21
N ASP B 72 44.70 -24.97 11.08
CA ASP B 72 44.83 -23.81 10.19
C ASP B 72 44.03 -23.91 8.90
N GLU B 73 43.20 -24.95 8.78
CA GLU B 73 42.44 -25.18 7.54
C GLU B 73 41.55 -23.98 7.17
N TRP B 74 40.96 -23.39 8.21
CA TRP B 74 40.10 -22.21 8.07
C TRP B 74 40.72 -21.07 7.33
N ARG B 75 42.04 -20.96 7.31
CA ARG B 75 42.69 -19.84 6.61
C ARG B 75 42.46 -19.84 5.10
N LYS B 76 42.14 -21.01 4.52
CA LYS B 76 41.90 -21.12 3.07
C LYS B 76 40.49 -20.61 2.63
N TYR B 77 39.67 -20.11 3.57
CA TYR B 77 38.27 -19.73 3.33
C TYR B 77 37.95 -18.26 3.61
N ASP B 78 36.91 -17.75 2.96
CA ASP B 78 36.50 -16.34 3.11
C ASP B 78 35.64 -16.12 4.33
N VAL B 79 34.77 -17.08 4.58
CA VAL B 79 33.80 -17.01 5.64
C VAL B 79 33.98 -18.22 6.57
N ILE B 80 33.93 -17.95 7.86
CA ILE B 80 33.97 -18.97 8.90
C ILE B 80 32.67 -18.90 9.68
N ALA B 81 31.97 -20.01 9.78
CA ALA B 81 30.73 -20.07 10.53
C ALA B 81 30.90 -21.04 11.68
N VAL B 82 30.54 -20.59 12.87
CA VAL B 82 30.58 -21.43 14.05
C VAL B 82 29.16 -21.57 14.59
N ASP B 83 28.68 -22.79 14.67
CA ASP B 83 27.35 -23.10 15.19
C ASP B 83 27.48 -23.56 16.64
N GLU B 84 26.51 -23.23 17.48
CA GLU B 84 26.53 -23.65 18.92
C GLU B 84 27.74 -23.12 19.68
N GLY B 85 28.01 -21.85 19.50
CA GLY B 85 29.22 -21.22 20.02
C GLY B 85 29.40 -21.34 21.50
N GLN B 86 28.30 -21.44 22.24
CA GLN B 86 28.39 -21.58 23.70
C GLN B 86 29.16 -22.83 24.19
N PHE B 87 29.25 -23.85 23.33
CA PHE B 87 29.95 -25.09 23.66
C PHE B 87 31.45 -24.97 23.54
N PHE B 88 31.95 -23.94 22.86
CA PHE B 88 33.39 -23.83 22.66
C PHE B 88 34.01 -22.89 23.67
N PRO B 89 34.92 -23.39 24.53
CA PRO B 89 35.43 -22.50 25.54
C PRO B 89 36.41 -21.45 25.03
N ASP B 90 36.94 -21.59 23.82
CA ASP B 90 37.94 -20.66 23.29
C ASP B 90 37.40 -19.81 22.12
N VAL B 91 36.07 -19.69 22.02
CA VAL B 91 35.45 -19.11 20.82
C VAL B 91 35.80 -17.64 20.57
N ALA B 92 35.93 -16.88 21.65
CA ALA B 92 36.23 -15.45 21.50
C ALA B 92 37.58 -15.22 20.82
N ALA B 93 38.58 -15.88 21.36
CA ALA B 93 39.94 -15.81 20.80
C ALA B 93 39.98 -16.26 19.35
N PHE B 94 39.32 -17.38 19.06
CA PHE B 94 39.29 -17.91 17.71
C PHE B 94 38.68 -16.88 16.74
N CYS B 95 37.54 -16.34 17.11
CA CYS B 95 36.86 -15.40 16.22
C CYS B 95 37.71 -14.15 15.98
N SER B 96 38.32 -13.64 17.03
CA SER B 96 39.19 -12.47 16.92
C SER B 96 40.37 -12.74 16.00
N LYS B 97 41.01 -13.89 16.17
CA LYS B 97 42.14 -14.28 15.33
C LYS B 97 41.72 -14.31 13.86
N ALA B 98 40.60 -14.98 13.61
CA ALA B 98 40.10 -15.12 12.25
C ALA B 98 39.70 -13.77 11.64
N ALA B 99 39.02 -12.95 12.42
CA ALA B 99 38.58 -11.66 11.90
C ALA B 99 39.77 -10.75 11.64
N ASP B 100 40.79 -10.80 12.50
CA ASP B 100 42.03 -10.07 12.24
C ASP B 100 42.77 -10.53 10.97
N SER B 101 42.57 -11.79 10.58
CA SER B 101 43.12 -12.28 9.33
C SER B 101 42.23 -11.98 8.15
N GLY B 102 41.18 -11.20 8.34
CA GLY B 102 40.34 -10.77 7.22
C GLY B 102 39.11 -11.63 6.94
N LYS B 103 38.83 -12.59 7.81
CA LYS B 103 37.68 -13.47 7.61
C LYS B 103 36.41 -12.82 8.11
N VAL B 104 35.32 -13.13 7.42
CA VAL B 104 33.98 -12.87 7.92
C VAL B 104 33.64 -14.04 8.82
N VAL B 105 33.44 -13.75 10.09
CA VAL B 105 33.18 -14.76 11.09
C VAL B 105 31.74 -14.61 11.54
N ILE B 106 30.96 -15.68 11.46
CA ILE B 106 29.58 -15.66 11.85
C ILE B 106 29.40 -16.73 12.91
N VAL B 107 28.85 -16.33 14.04
CA VAL B 107 28.67 -17.24 15.17
C VAL B 107 27.22 -17.28 15.60
N SER B 108 26.69 -18.48 15.75
CA SER B 108 25.36 -18.67 16.31
C SER B 108 25.58 -19.26 17.68
N ALA B 109 24.90 -18.73 18.69
CA ALA B 109 25.10 -19.20 20.06
C ALA B 109 24.03 -18.76 21.00
N LEU B 110 23.85 -19.53 22.06
CA LEU B 110 23.01 -19.12 23.18
C LEU B 110 23.75 -18.09 23.95
N ASP B 111 23.04 -17.05 24.33
CA ASP B 111 23.61 -16.04 25.21
C ASP B 111 23.44 -16.43 26.64
N ALA B 112 22.39 -17.20 26.93
CA ALA B 112 22.01 -17.55 28.30
C ALA B 112 21.78 -19.06 28.47
N ASP B 113 22.14 -19.58 29.64
CA ASP B 113 21.87 -20.97 29.97
C ASP B 113 20.47 -21.07 30.56
N TYR B 114 20.09 -22.28 30.90
CA TYR B 114 18.75 -22.55 31.43
C TYR B 114 18.42 -21.89 32.76
N LEU B 115 19.43 -21.33 33.41
CA LEU B 115 19.25 -20.60 34.67
C LEU B 115 19.31 -19.10 34.45
N GLN B 116 19.25 -18.68 33.19
CA GLN B 116 19.31 -17.27 32.81
C GLN B 116 20.67 -16.63 33.10
N GLU B 117 21.70 -17.45 33.28
CA GLU B 117 23.04 -16.96 33.54
C GLU B 117 23.77 -16.91 32.19
N PRO B 118 24.62 -15.91 31.99
CA PRO B 118 25.25 -15.74 30.68
C PRO B 118 26.35 -16.73 30.44
N PHE B 119 26.50 -17.15 29.20
CA PHE B 119 27.69 -17.87 28.79
C PHE B 119 28.76 -16.83 28.62
N GLU B 120 29.74 -16.82 29.53
CA GLU B 120 30.65 -15.69 29.67
C GLU B 120 31.43 -15.47 28.39
N GLU B 121 31.76 -16.54 27.70
CA GLU B 121 32.55 -16.43 26.50
C GLU B 121 31.77 -15.71 25.36
N ILE B 122 30.47 -15.93 25.32
CA ILE B 122 29.60 -15.34 24.29
C ILE B 122 29.40 -13.89 24.57
N CYS B 123 29.28 -13.58 25.85
CA CYS B 123 29.27 -12.17 26.28
C CYS B 123 30.50 -11.41 25.81
N LEU B 124 31.66 -12.04 25.93
CA LEU B 124 32.90 -11.42 25.55
C LEU B 124 32.87 -11.19 24.06
N LEU B 125 32.27 -12.13 23.35
CA LEU B 125 32.11 -11.97 21.94
C LEU B 125 31.20 -10.78 21.58
N VAL B 126 30.16 -10.54 22.36
CA VAL B 126 29.30 -9.36 22.14
C VAL B 126 30.12 -8.09 22.04
N SER B 127 31.00 -7.88 23.02
CA SER B 127 31.87 -6.70 23.05
C SER B 127 32.86 -6.60 21.87
N ARG B 128 33.18 -7.72 21.23
CA ARG B 128 34.15 -7.75 20.11
C ARG B 128 33.49 -7.81 18.77
N ALA B 129 32.15 -7.91 18.77
CA ALA B 129 31.41 -8.14 17.50
C ALA B 129 31.03 -6.85 16.78
N ASP B 130 31.09 -6.89 15.46
CA ASP B 130 30.64 -5.77 14.62
C ASP B 130 29.12 -5.73 14.59
N SER B 131 28.50 -6.88 14.78
CA SER B 131 27.06 -7.02 14.59
C SER B 131 26.54 -7.98 15.66
N VAL B 132 25.44 -7.63 16.30
CA VAL B 132 24.85 -8.51 17.27
C VAL B 132 23.39 -8.48 17.07
N VAL B 133 22.80 -9.66 16.92
CA VAL B 133 21.38 -9.76 16.70
C VAL B 133 20.88 -10.78 17.68
N LYS B 134 19.87 -10.43 18.44
CA LYS B 134 19.27 -11.35 19.38
C LYS B 134 17.90 -11.70 18.86
N LEU B 135 17.75 -12.95 18.43
CA LEU B 135 16.48 -13.47 17.95
C LEU B 135 15.61 -13.88 19.07
N SER B 136 14.32 -14.01 18.78
CA SER B 136 13.38 -14.50 19.76
C SER B 136 12.70 -15.74 19.24
N ALA B 137 12.17 -16.53 20.17
CA ALA B 137 11.36 -17.68 19.85
C ALA B 137 9.93 -17.33 20.19
N VAL B 138 9.04 -18.32 20.10
CA VAL B 138 7.66 -18.13 20.55
C VAL B 138 7.46 -18.94 21.82
N CYS B 139 6.78 -18.36 22.81
CA CYS B 139 6.62 -19.02 24.10
C CYS B 139 5.90 -20.33 23.93
N MET B 140 6.54 -21.42 24.31
CA MET B 140 5.99 -22.76 24.13
C MET B 140 5.00 -23.14 25.24
N GLU B 141 4.94 -22.33 26.28
CA GLU B 141 4.06 -22.53 27.40
C GLU B 141 2.73 -21.82 27.20
N CYS B 142 2.77 -20.50 26.97
CA CYS B 142 1.53 -19.75 26.80
C CYS B 142 1.12 -19.60 25.36
N HIS B 143 2.07 -19.76 24.45
CA HIS B 143 1.76 -19.70 23.03
C HIS B 143 1.37 -18.32 22.50
N ASN B 144 1.46 -17.31 23.35
CA ASN B 144 0.93 -15.97 23.06
C ASN B 144 1.95 -14.83 22.94
N ARG B 145 3.18 -15.04 23.39
CA ARG B 145 4.17 -13.98 23.44
C ARG B 145 5.46 -14.45 22.85
N LYS B 146 6.31 -13.48 22.54
CA LYS B 146 7.68 -13.76 22.17
C LYS B 146 8.43 -14.28 23.38
N ALA B 147 9.35 -15.19 23.10
CA ALA B 147 10.13 -15.85 24.12
C ALA B 147 11.60 -15.51 23.96
N SER B 148 12.19 -15.08 25.06
CA SER B 148 13.63 -14.78 25.09
C SER B 148 14.46 -15.66 26.04
N PHE B 149 13.84 -16.71 26.59
CA PHE B 149 14.49 -17.54 27.61
C PHE B 149 14.28 -19.02 27.35
N THR B 150 15.24 -19.81 27.79
CA THR B 150 15.17 -21.24 27.60
C THR B 150 15.00 -21.87 28.97
N TYR B 151 13.95 -22.68 29.11
CA TYR B 151 13.67 -23.40 30.35
C TYR B 151 13.96 -24.88 30.15
N ARG B 152 14.72 -25.48 31.09
CA ARG B 152 15.04 -26.92 31.03
C ARG B 152 13.92 -27.75 31.67
N THR B 153 13.38 -28.73 30.95
CA THR B 153 12.19 -29.43 31.40
C THR B 153 12.55 -30.74 32.10
N VAL B 154 13.82 -31.09 32.13
CA VAL B 154 14.28 -32.28 32.79
C VAL B 154 15.18 -31.85 33.93
N LYS B 155 15.20 -32.65 34.99
CA LYS B 155 16.01 -32.36 36.17
C LYS B 155 17.43 -32.82 35.79
N SER B 156 18.35 -31.88 35.85
CA SER B 156 19.78 -32.14 35.65
C SER B 156 20.50 -30.87 35.99
N ASP B 157 21.64 -31.01 36.65
CA ASP B 157 22.49 -29.89 37.06
C ASP B 157 23.69 -29.72 36.16
N GLU B 158 23.83 -30.59 35.17
CA GLU B 158 24.87 -30.45 34.18
C GLU B 158 24.54 -29.18 33.37
N ARG B 159 25.50 -28.25 33.26
CA ARG B 159 25.24 -27.04 32.49
C ARG B 159 25.18 -27.35 30.99
N LYS B 160 26.08 -28.21 30.52
CA LYS B 160 26.05 -28.64 29.17
C LYS B 160 25.31 -29.97 29.05
N LEU B 161 24.13 -29.91 28.47
CA LEU B 161 23.26 -31.07 28.31
C LEU B 161 22.59 -30.95 26.94
N VAL B 162 23.12 -31.68 25.98
CA VAL B 162 22.70 -31.62 24.60
C VAL B 162 21.32 -32.25 24.44
N GLY B 163 20.45 -31.56 23.73
CA GLY B 163 19.11 -32.04 23.49
C GLY B 163 18.22 -30.99 22.88
N GLY B 164 16.97 -31.39 22.63
CA GLY B 164 15.98 -30.59 21.94
C GLY B 164 14.75 -30.34 22.79
N SER B 165 13.57 -30.37 22.14
CA SER B 165 12.31 -30.08 22.82
C SER B 165 11.89 -31.14 23.82
N ASP B 166 12.56 -32.29 23.79
CA ASP B 166 12.39 -33.31 24.82
C ASP B 166 13.02 -32.89 26.18
N MET B 167 13.94 -31.91 26.18
CA MET B 167 14.64 -31.47 27.38
C MET B 167 14.56 -29.99 27.66
N TYR B 168 14.08 -29.21 26.69
CA TYR B 168 14.02 -27.75 26.81
C TYR B 168 12.81 -27.19 26.12
N MET B 169 12.32 -26.07 26.61
CA MET B 169 11.34 -25.25 25.89
C MET B 169 11.68 -23.77 26.05
N SER B 170 11.25 -22.97 25.07
CA SER B 170 11.51 -21.53 25.15
C SER B 170 10.33 -20.88 25.71
N VAL B 171 10.58 -19.87 26.55
CA VAL B 171 9.49 -19.22 27.24
C VAL B 171 9.67 -17.73 27.35
N CYS B 172 8.54 -17.03 27.50
CA CYS B 172 8.55 -15.60 27.76
C CYS B 172 8.96 -15.35 29.22
N ARG B 173 9.14 -14.09 29.57
CA ARG B 173 9.66 -13.72 30.88
C ARG B 173 8.76 -14.22 31.99
N SER B 174 7.47 -14.02 31.88
CA SER B 174 6.55 -14.38 32.98
C SER B 174 6.36 -15.88 33.11
N CYS B 175 6.28 -16.58 32.00
CA CYS B 175 6.27 -18.04 32.03
C CYS B 175 7.54 -18.61 32.67
N TYR B 176 8.70 -18.05 32.33
CA TYR B 176 9.92 -18.51 32.97
C TYR B 176 9.83 -18.42 34.49
N GLU B 177 9.29 -17.30 35.00
CA GLU B 177 9.14 -17.11 36.45
C GLU B 177 8.19 -18.12 37.07
N THR B 178 7.03 -18.27 36.44
CA THR B 178 6.00 -19.17 36.96
C THR B 178 6.56 -20.58 37.04
N LYS B 179 7.15 -21.03 35.95
CA LYS B 179 7.66 -22.38 35.91
C LYS B 179 8.77 -22.60 36.93
N ARG B 180 9.59 -21.58 37.14
CA ARG B 180 10.67 -21.66 38.13
C ARG B 180 10.10 -21.89 39.54
N ASN B 181 8.96 -21.25 39.85
CA ASN B 181 8.15 -21.59 41.05
C ASN B 181 7.40 -22.93 40.86
N HIS C 2 2.82 -7.55 31.42
CA HIS C 2 3.68 -7.41 30.19
C HIS C 2 4.94 -6.50 30.33
N GLY C 3 5.73 -6.69 31.39
CA GLY C 3 6.97 -5.97 31.51
C GLY C 3 7.95 -6.49 30.46
N ARG C 4 9.00 -5.75 30.23
CA ARG C 4 10.01 -6.12 29.22
C ARG C 4 11.30 -5.36 29.46
N ILE C 5 12.40 -5.95 29.02
CA ILE C 5 13.68 -5.26 29.05
C ILE C 5 14.21 -5.12 27.64
N GLU C 6 14.54 -3.90 27.26
CA GLU C 6 15.11 -3.60 25.94
C GLU C 6 16.44 -2.95 26.16
N LEU C 7 17.43 -3.41 25.42
CA LEU C 7 18.79 -3.03 25.63
C LEU C 7 19.37 -2.51 24.31
N ILE C 8 20.01 -1.34 24.40
CA ILE C 8 20.62 -0.67 23.28
C ILE C 8 22.09 -0.52 23.61
N ILE C 9 22.93 -1.14 22.81
CA ILE C 9 24.36 -1.13 23.04
C ILE C 9 25.09 -0.66 21.80
N GLY C 10 26.40 -0.60 21.87
CA GLY C 10 27.22 -0.12 20.75
C GLY C 10 28.27 0.79 21.32
N PRO C 11 29.24 1.21 20.50
CA PRO C 11 30.26 2.14 20.96
C PRO C 11 29.77 3.54 21.10
N MET C 12 30.64 4.42 21.58
CA MET C 12 30.31 5.84 21.72
C MET C 12 30.00 6.42 20.34
N PHE C 13 29.12 7.41 20.32
CA PHE C 13 28.80 8.18 19.10
C PHE C 13 27.99 7.39 18.09
N ALA C 14 27.31 6.36 18.58
CA ALA C 14 26.45 5.51 17.76
C ALA C 14 25.00 5.94 17.87
N GLY C 15 24.75 6.92 18.72
CA GLY C 15 23.40 7.44 18.89
C GLY C 15 22.54 6.60 19.79
N LYS C 16 23.16 5.87 20.72
CA LYS C 16 22.38 5.05 21.67
C LYS C 16 21.41 5.88 22.49
N THR C 17 21.86 7.02 22.98
CA THR C 17 20.99 7.88 23.78
C THR C 17 19.85 8.46 22.95
N THR C 18 20.17 8.87 21.72
CA THR C 18 19.13 9.29 20.79
C THR C 18 18.07 8.22 20.59
N GLU C 19 18.50 6.96 20.44
CA GLU C 19 17.57 5.86 20.21
C GLU C 19 16.71 5.61 21.42
N LEU C 20 17.33 5.70 22.60
CA LEU C 20 16.61 5.59 23.85
C LEU C 20 15.49 6.60 23.91
N MET C 21 15.82 7.83 23.60
CA MET C 21 14.88 8.94 23.64
C MET C 21 13.84 8.79 22.57
N ARG C 22 14.22 8.29 21.40
CA ARG C 22 13.22 8.03 20.35
C ARG C 22 12.15 7.08 20.87
N ARG C 23 12.59 6.05 21.58
CA ARG C 23 11.64 5.05 22.06
C ARG C 23 10.78 5.60 23.17
N VAL C 24 11.39 6.32 24.09
CA VAL C 24 10.64 6.99 25.15
C VAL C 24 9.56 7.92 24.58
N GLN C 25 9.96 8.74 23.60
CA GLN C 25 9.03 9.68 22.99
C GLN C 25 7.83 8.99 22.41
N ARG C 26 8.03 7.82 21.81
CA ARG C 26 6.91 7.05 21.28
C ARG C 26 5.88 6.73 22.36
N HIS C 27 6.36 6.30 23.52
CA HIS C 27 5.46 5.97 24.63
C HIS C 27 4.79 7.19 25.19
N LYS C 28 5.54 8.29 25.28
CA LYS C 28 4.97 9.58 25.73
C LYS C 28 3.81 10.05 24.86
N HIS C 29 3.92 9.90 23.55
CA HIS C 29 2.84 10.26 22.65
C HIS C 29 1.57 9.43 22.89
N ALA C 30 1.72 8.23 23.42
CA ALA C 30 0.58 7.41 23.78
C ALA C 30 0.16 7.58 25.23
N GLN C 31 0.57 8.71 25.84
CA GLN C 31 0.18 9.05 27.21
C GLN C 31 0.65 8.01 28.24
N ARG C 32 1.80 7.40 27.99
CA ARG C 32 2.38 6.46 28.95
C ARG C 32 3.42 7.27 29.73
N SER C 33 3.51 7.00 31.02
CA SER C 33 4.38 7.78 31.90
C SER C 33 5.79 7.21 31.85
N CYS C 34 6.78 8.08 31.73
CA CYS C 34 8.17 7.67 31.60
C CYS C 34 9.05 8.29 32.66
N TYR C 35 9.94 7.50 33.21
CA TYR C 35 10.84 7.91 34.27
C TYR C 35 12.24 7.70 33.74
N ILE C 36 12.99 8.77 33.64
CA ILE C 36 14.31 8.74 33.03
C ILE C 36 15.40 8.92 34.07
N ILE C 37 16.27 7.92 34.12
CA ILE C 37 17.34 7.86 35.09
C ILE C 37 18.65 8.10 34.36
N LYS C 38 19.42 9.06 34.86
CA LYS C 38 20.75 9.37 34.39
C LYS C 38 21.76 9.16 35.53
N TYR C 39 23.02 9.09 35.16
CA TYR C 39 24.12 8.93 36.11
C TYR C 39 24.76 10.26 36.45
N THR C 40 24.54 10.76 37.67
CA THR C 40 25.09 12.03 38.19
C THR C 40 26.33 11.69 38.95
N LEU C 58 3.15 12.34 32.56
CA LEU C 58 4.41 12.66 33.26
C LEU C 58 5.68 12.01 32.68
N THR C 59 6.69 12.86 32.47
CA THR C 59 8.06 12.40 32.36
C THR C 59 8.82 12.96 33.56
N ALA C 60 9.39 12.08 34.38
CA ALA C 60 10.21 12.43 35.56
C ALA C 60 11.66 12.13 35.23
N ASN C 61 12.57 12.90 35.79
CA ASN C 61 14.01 12.77 35.59
C ASN C 61 14.73 12.72 36.92
N VAL C 62 15.83 11.99 36.98
CA VAL C 62 16.58 11.88 38.23
C VAL C 62 18.00 11.51 37.86
N SER C 63 18.96 11.98 38.65
CA SER C 63 20.34 11.58 38.47
C SER C 63 20.78 10.91 39.74
N VAL C 64 21.36 9.73 39.63
CA VAL C 64 21.86 9.01 40.79
C VAL C 64 23.18 8.37 40.43
N SER C 65 23.86 7.86 41.46
CA SER C 65 25.14 7.17 41.32
C SER C 65 24.93 5.64 41.37
N ASN C 66 23.83 5.22 41.99
CA ASN C 66 23.37 3.86 41.84
C ASN C 66 21.87 3.76 41.93
N LEU C 67 21.32 2.65 41.45
CA LEU C 67 19.89 2.58 41.22
C LEU C 67 19.10 2.38 42.52
N HIS C 68 19.78 1.92 43.56
CA HIS C 68 19.18 1.82 44.91
C HIS C 68 18.68 3.18 45.35
N ASP C 69 19.46 4.20 45.02
CA ASP C 69 19.17 5.58 45.41
C ASP C 69 17.93 6.18 44.76
N VAL C 70 17.36 5.51 43.78
CA VAL C 70 16.13 5.97 43.15
C VAL C 70 14.91 5.63 44.02
N GLY C 71 15.10 4.66 44.92
CA GLY C 71 14.02 4.25 45.81
C GLY C 71 12.89 3.66 45.01
N ASP C 72 11.67 3.98 45.39
CA ASP C 72 10.48 3.34 44.84
C ASP C 72 9.67 4.24 43.91
N GLU C 73 10.20 5.43 43.59
CA GLU C 73 9.45 6.40 42.79
C GLU C 73 9.07 5.82 41.41
N TRP C 74 10.01 5.06 40.84
CA TRP C 74 9.82 4.40 39.56
C TRP C 74 8.57 3.55 39.44
N ARG C 75 8.03 3.06 40.56
CA ARG C 75 6.83 2.22 40.51
C ARG C 75 5.60 2.95 40.01
N LYS C 76 5.59 4.28 40.10
CA LYS C 76 4.45 5.06 39.64
C LYS C 76 4.40 5.27 38.11
N TYR C 77 5.35 4.69 37.35
CA TYR C 77 5.51 4.93 35.91
C TYR C 77 5.40 3.66 35.05
N ASP C 78 5.02 3.84 33.78
CA ASP C 78 4.86 2.73 32.84
C ASP C 78 6.18 2.29 32.22
N VAL C 79 7.02 3.27 31.95
CA VAL C 79 8.29 3.05 31.29
C VAL C 79 9.42 3.62 32.14
N ILE C 80 10.49 2.85 32.25
CA ILE C 80 11.70 3.26 32.94
C ILE C 80 12.81 3.26 31.92
N ALA C 81 13.51 4.37 31.80
CA ALA C 81 14.64 4.47 30.91
C ALA C 81 15.91 4.72 31.71
N VAL C 82 16.93 3.94 31.46
CA VAL C 82 18.22 4.14 32.08
C VAL C 82 19.26 4.45 31.01
N ASP C 83 19.89 5.61 31.14
CA ASP C 83 20.92 6.06 30.21
C ASP C 83 22.27 5.76 30.83
N GLU C 84 23.27 5.43 30.00
CA GLU C 84 24.64 5.19 30.48
C GLU C 84 24.71 4.04 31.48
N GLY C 85 24.04 2.95 31.11
CA GLY C 85 23.88 1.82 32.00
C GLY C 85 25.16 1.22 32.53
N GLN C 86 26.26 1.35 31.79
CA GLN C 86 27.53 0.81 32.21
C GLN C 86 28.08 1.41 33.51
N PHE C 87 27.62 2.60 33.87
CA PHE C 87 28.03 3.26 35.09
C PHE C 87 27.35 2.76 36.33
N PHE C 88 26.23 2.05 36.20
CA PHE C 88 25.51 1.57 37.37
C PHE C 88 25.87 0.14 37.70
N PRO C 89 26.47 -0.09 38.87
CA PRO C 89 26.91 -1.45 39.14
C PRO C 89 25.76 -2.43 39.43
N ASP C 90 24.54 -1.97 39.71
CA ASP C 90 23.45 -2.88 40.07
C ASP C 90 22.34 -2.89 39.01
N VAL C 91 22.69 -2.50 37.78
CA VAL C 91 21.67 -2.27 36.75
C VAL C 91 20.86 -3.52 36.39
N ALA C 92 21.51 -4.67 36.39
CA ALA C 92 20.83 -5.90 35.98
C ALA C 92 19.68 -6.21 36.93
N ALA C 93 20.00 -6.19 38.23
CA ALA C 93 19.01 -6.47 39.25
C ALA C 93 17.85 -5.47 39.16
N PHE C 94 18.20 -4.20 39.00
CA PHE C 94 17.19 -3.16 38.93
C PHE C 94 16.24 -3.42 37.77
N CYS C 95 16.80 -3.68 36.60
CA CYS C 95 15.96 -3.89 35.41
C CYS C 95 15.06 -5.10 35.54
N SER C 96 15.60 -6.18 36.10
CA SER C 96 14.81 -7.38 36.35
C SER C 96 13.65 -7.13 37.31
N LYS C 97 13.94 -6.42 38.41
CA LYS C 97 12.90 -6.09 39.41
C LYS C 97 11.79 -5.28 38.74
N ALA C 98 12.18 -4.27 37.99
CA ALA C 98 11.23 -3.39 37.32
C ALA C 98 10.42 -4.13 36.27
N ALA C 99 11.09 -4.95 35.48
CA ALA C 99 10.38 -5.69 34.43
C ALA C 99 9.41 -6.71 35.03
N ASP C 100 9.81 -7.36 36.12
CA ASP C 100 8.91 -8.27 36.84
C ASP C 100 7.67 -7.56 37.41
N SER C 101 7.80 -6.27 37.70
CA SER C 101 6.66 -5.48 38.16
C SER C 101 5.83 -4.96 37.00
N GLY C 102 6.12 -5.39 35.78
CA GLY C 102 5.34 -4.98 34.64
C GLY C 102 5.81 -3.75 33.88
N LYS C 103 6.99 -3.22 34.22
CA LYS C 103 7.49 -2.03 33.56
C LYS C 103 8.19 -2.39 32.26
N VAL C 104 8.08 -1.47 31.30
CA VAL C 104 8.92 -1.49 30.09
C VAL C 104 10.19 -0.78 30.48
N VAL C 105 11.30 -1.51 30.44
CA VAL C 105 12.58 -1.01 30.88
C VAL C 105 13.47 -0.90 29.65
N ILE C 106 14.02 0.28 29.42
CA ILE C 106 14.85 0.53 28.25
C ILE C 106 16.16 1.03 28.79
N VAL C 107 17.22 0.39 28.35
CA VAL C 107 18.56 0.72 28.82
C VAL C 107 19.49 1.02 27.65
N SER C 108 20.19 2.14 27.73
CA SER C 108 21.22 2.46 26.76
C SER C 108 22.53 2.30 27.50
N ALA C 109 23.49 1.65 26.87
CA ALA C 109 24.76 1.39 27.54
C ALA C 109 25.84 0.97 26.59
N LEU C 110 27.08 1.22 26.99
CA LEU C 110 28.24 0.66 26.31
C LEU C 110 28.31 -0.80 26.67
N ASP C 111 28.57 -1.62 25.68
CA ASP C 111 28.83 -3.01 25.91
C ASP C 111 30.30 -3.24 26.22
N ALA C 112 31.16 -2.38 25.69
CA ALA C 112 32.61 -2.55 25.78
C ALA C 112 33.32 -1.28 26.24
N ASP C 113 34.38 -1.47 27.02
CA ASP C 113 35.20 -0.35 27.48
C ASP C 113 36.25 -0.06 26.44
N TYR C 114 37.08 0.93 26.73
CA TYR C 114 38.09 1.38 25.77
C TYR C 114 39.17 0.37 25.46
N LEU C 115 39.21 -0.72 26.22
CA LEU C 115 40.15 -1.80 26.01
C LEU C 115 39.47 -3.00 25.36
N GLN C 116 38.26 -2.79 24.85
CA GLN C 116 37.47 -3.83 24.20
C GLN C 116 37.03 -4.94 25.17
N GLU C 117 37.04 -4.65 26.46
CA GLU C 117 36.63 -5.62 27.45
C GLU C 117 35.18 -5.32 27.78
N PRO C 118 34.38 -6.36 28.04
CA PRO C 118 32.96 -6.15 28.31
C PRO C 118 32.69 -5.55 29.69
N PHE C 119 31.67 -4.72 29.77
CA PHE C 119 31.11 -4.30 31.04
C PHE C 119 30.26 -5.46 31.48
N GLU C 120 30.69 -6.18 32.52
CA GLU C 120 30.13 -7.48 32.87
C GLU C 120 28.65 -7.38 33.21
N GLU C 121 28.26 -6.28 33.83
CA GLU C 121 26.89 -6.09 34.21
C GLU C 121 25.94 -5.96 32.97
N ILE C 122 26.45 -5.34 31.91
CA ILE C 122 25.67 -5.13 30.68
C ILE C 122 25.53 -6.42 29.92
N CYS C 123 26.59 -7.20 29.95
CA CYS C 123 26.53 -8.56 29.42
C CYS C 123 25.44 -9.38 30.09
N LEU C 124 25.34 -9.29 31.42
CA LEU C 124 24.35 -10.01 32.16
C LEU C 124 22.99 -9.54 31.71
N LEU C 125 22.88 -8.26 31.43
CA LEU C 125 21.63 -7.73 30.93
C LEU C 125 21.27 -8.31 29.56
N VAL C 126 22.26 -8.52 28.68
CA VAL C 126 22.01 -9.14 27.38
C VAL C 126 21.22 -10.42 27.55
N SER C 127 21.69 -11.28 28.45
CA SER C 127 21.04 -12.57 28.71
C SER C 127 19.64 -12.47 29.33
N ARG C 128 19.30 -11.35 29.96
CA ARG C 128 17.98 -11.13 30.54
C ARG C 128 17.05 -10.29 29.69
N ALA C 129 17.54 -9.80 28.56
CA ALA C 129 16.78 -8.87 27.76
C ALA C 129 15.85 -9.52 26.73
N ASP C 130 14.68 -8.92 26.53
CA ASP C 130 13.76 -9.34 25.47
C ASP C 130 14.28 -8.88 24.12
N SER C 131 15.04 -7.80 24.10
CA SER C 131 15.45 -7.16 22.87
C SER C 131 16.86 -6.65 23.04
N VAL C 132 17.70 -6.90 22.05
CA VAL C 132 19.06 -6.36 22.10
C VAL C 132 19.40 -5.82 20.74
N VAL C 133 19.83 -4.58 20.70
CA VAL C 133 20.21 -3.94 19.45
C VAL C 133 21.55 -3.34 19.67
N LYS C 134 22.49 -3.66 18.78
CA LYS C 134 23.84 -3.09 18.88
C LYS C 134 24.00 -2.13 17.73
N LEU C 135 24.06 -0.85 18.05
CA LEU C 135 24.22 0.20 17.06
C LEU C 135 25.69 0.36 16.69
N SER C 136 25.96 0.97 15.54
CA SER C 136 27.31 1.28 15.16
C SER C 136 27.45 2.78 15.04
N ALA C 137 28.70 3.22 15.10
CA ALA C 137 29.09 4.61 14.82
C ALA C 137 29.78 4.63 13.47
N VAL C 138 30.32 5.77 13.11
CA VAL C 138 31.16 5.88 11.91
C VAL C 138 32.59 6.08 12.37
N CYS C 139 33.53 5.41 11.72
CA CYS C 139 34.92 5.47 12.13
C CYS C 139 35.44 6.89 12.03
N MET C 140 35.88 7.44 13.16
CA MET C 140 36.33 8.84 13.24
C MET C 140 37.77 9.02 12.78
N GLU C 141 38.47 7.90 12.58
CA GLU C 141 39.84 7.89 12.13
C GLU C 141 39.92 7.80 10.61
N CYS C 142 39.31 6.78 10.03
CA CYS C 142 39.39 6.60 8.56
C CYS C 142 38.22 7.21 7.84
N HIS C 143 37.12 7.48 8.55
CA HIS C 143 35.93 8.11 7.97
C HIS C 143 35.21 7.28 6.93
N ASN C 144 35.62 6.03 6.74
CA ASN C 144 35.15 5.22 5.62
C ASN C 144 34.35 3.96 5.97
N ARG C 145 34.35 3.55 7.23
CA ARG C 145 33.73 2.29 7.63
C ARG C 145 32.88 2.53 8.86
N LYS C 146 32.01 1.56 9.11
CA LYS C 146 31.26 1.53 10.34
C LYS C 146 32.21 1.22 11.47
N ALA C 147 31.90 1.79 12.62
CA ALA C 147 32.71 1.64 13.81
C ALA C 147 31.94 0.94 14.90
N SER C 148 32.55 -0.10 15.47
CA SER C 148 31.97 -0.83 16.60
C SER C 148 32.77 -0.74 17.91
N PHE C 149 33.79 0.11 17.95
CA PHE C 149 34.71 0.18 19.10
C PHE C 149 34.98 1.62 19.51
N THR C 150 35.28 1.80 20.77
CA THR C 150 35.61 3.10 21.30
C THR C 150 37.08 3.09 21.70
N TYR C 151 37.82 4.06 21.18
CA TYR C 151 39.24 4.24 21.50
C TYR C 151 39.39 5.48 22.36
N ARG C 152 40.12 5.35 23.46
CA ARG C 152 40.40 6.49 24.36
C ARG C 152 41.61 7.28 23.88
N THR C 153 41.46 8.58 23.71
CA THR C 153 42.51 9.38 23.08
C THR C 153 43.35 10.09 24.12
N VAL C 154 43.03 9.95 25.40
CA VAL C 154 43.83 10.52 26.46
C VAL C 154 44.40 9.38 27.30
N LYS C 155 45.57 9.62 27.90
CA LYS C 155 46.26 8.65 28.76
C LYS C 155 45.53 8.68 30.10
N SER C 156 44.99 7.54 30.49
CA SER C 156 44.36 7.36 31.80
C SER C 156 44.03 5.88 31.91
N ASP C 157 44.22 5.34 33.11
CA ASP C 157 43.93 3.95 33.43
C ASP C 157 42.63 3.79 34.23
N GLU C 158 41.93 4.87 34.54
CA GLU C 158 40.63 4.78 35.22
C GLU C 158 39.61 4.16 34.22
N ARG C 159 38.95 3.05 34.58
CA ARG C 159 38.01 2.40 33.64
C ARG C 159 36.84 3.36 33.46
N LYS C 160 36.37 3.98 34.53
CA LYS C 160 35.36 5.04 34.44
C LYS C 160 36.06 6.40 34.25
N LEU C 161 35.80 7.07 33.13
CA LEU C 161 36.30 8.41 32.84
C LEU C 161 35.28 9.11 31.92
N VAL C 162 34.47 9.96 32.53
CA VAL C 162 33.39 10.64 31.84
C VAL C 162 33.93 11.68 30.88
N GLY C 163 33.42 11.68 29.67
CA GLY C 163 33.82 12.64 28.66
C GLY C 163 33.28 12.32 27.29
N GLY C 164 33.62 13.19 26.34
CA GLY C 164 33.14 13.12 24.97
C GLY C 164 34.27 12.98 23.97
N SER C 165 34.13 13.66 22.83
CA SER C 165 35.10 13.54 21.73
C SER C 165 36.44 14.16 22.05
N ASP C 166 36.53 14.88 23.16
CA ASP C 166 37.81 15.35 23.70
C ASP C 166 38.64 14.24 24.33
N MET C 167 38.01 13.13 24.69
CA MET C 167 38.69 11.99 25.34
C MET C 167 38.52 10.64 24.65
N TYR C 168 37.59 10.56 23.70
CA TYR C 168 37.29 9.30 23.01
C TYR C 168 36.94 9.52 21.55
N MET C 169 37.22 8.52 20.73
CA MET C 169 36.68 8.45 19.39
C MET C 169 36.24 7.03 19.08
N SER C 170 35.29 6.90 18.16
CA SER C 170 34.81 5.60 17.77
C SER C 170 35.56 5.17 16.53
N VAL C 171 35.93 3.90 16.47
CA VAL C 171 36.73 3.40 15.38
C VAL C 171 36.31 2.02 14.91
N CYS C 172 36.64 1.72 13.66
CA CYS C 172 36.41 0.40 13.08
C CYS C 172 37.46 -0.55 13.65
N ARG C 173 37.31 -1.84 13.32
CA ARG C 173 38.19 -2.87 13.87
C ARG C 173 39.66 -2.62 13.53
N SER C 174 39.96 -2.32 12.28
CA SER C 174 41.37 -2.18 11.86
C SER C 174 42.01 -0.91 12.38
N CYS C 175 41.25 0.17 12.41
CA CYS C 175 41.72 1.40 13.03
C CYS C 175 42.00 1.20 14.51
N TYR C 176 41.13 0.50 15.21
CA TYR C 176 41.40 0.23 16.61
C TYR C 176 42.76 -0.47 16.78
N GLU C 177 43.06 -1.43 15.92
CA GLU C 177 44.35 -2.19 15.98
C GLU C 177 45.54 -1.29 15.73
N THR C 178 45.46 -0.51 14.65
CA THR C 178 46.58 0.36 14.22
C THR C 178 46.82 1.45 15.29
N LYS C 179 45.76 2.05 15.80
CA LYS C 179 45.87 3.07 16.81
C LYS C 179 46.36 2.54 18.14
N ARG C 180 46.14 1.25 18.41
CA ARG C 180 46.72 0.58 19.61
C ARG C 180 48.24 0.39 19.50
N ASN C 181 48.72 -0.09 18.36
CA ASN C 181 50.16 -0.33 18.16
C ASN C 181 51.04 0.93 18.27
N MET C 182 50.70 2.05 17.62
CA MET C 182 51.40 3.37 17.77
C MET C 182 51.38 3.99 19.20
N ALA D 1 23.10 -2.94 8.12
CA ALA D 1 22.59 -2.68 6.74
C ALA D 1 22.37 -1.18 6.46
N HIS D 2 23.32 -0.55 5.78
CA HIS D 2 23.14 0.83 5.27
C HIS D 2 23.45 0.82 3.74
N GLY D 3 23.61 2.00 3.15
CA GLY D 3 23.68 2.05 1.72
C GLY D 3 23.92 3.41 1.11
N ARG D 4 23.47 3.55 -0.15
CA ARG D 4 23.44 4.82 -0.86
C ARG D 4 22.09 5.43 -0.88
N ILE D 5 21.02 4.64 -0.91
CA ILE D 5 19.72 5.20 -0.56
C ILE D 5 19.15 4.43 0.61
N GLU D 6 18.85 5.14 1.68
CA GLU D 6 18.30 4.56 2.87
C GLU D 6 16.96 5.21 3.08
N LEU D 7 15.97 4.39 3.40
CA LEU D 7 14.63 4.84 3.55
C LEU D 7 14.08 4.42 4.91
N ILE D 8 13.47 5.38 5.58
CA ILE D 8 12.86 5.21 6.89
C ILE D 8 11.38 5.54 6.80
N ILE D 9 10.54 4.55 7.03
CA ILE D 9 9.12 4.72 6.87
C ILE D 9 8.41 4.32 8.13
N GLY D 10 7.10 4.42 8.13
CA GLY D 10 6.30 4.09 9.30
C GLY D 10 5.25 5.18 9.46
N PRO D 11 4.29 5.00 10.37
CA PRO D 11 3.27 5.99 10.59
C PRO D 11 3.78 7.18 11.38
N MET D 12 2.91 8.16 11.58
CA MET D 12 3.26 9.32 12.36
C MET D 12 3.58 8.91 13.79
N PHE D 13 4.46 9.67 14.42
CA PHE D 13 4.82 9.50 15.83
C PHE D 13 5.63 8.25 16.10
N ALA D 14 6.29 7.75 15.07
CA ALA D 14 7.17 6.58 15.16
C ALA D 14 8.60 6.98 15.38
N GLY D 15 8.87 8.28 15.33
CA GLY D 15 10.22 8.78 15.46
C GLY D 15 11.03 8.69 14.20
N LYS D 16 10.41 8.71 13.03
CA LYS D 16 11.16 8.66 11.78
C LYS D 16 12.15 9.81 11.64
N THR D 17 11.72 11.00 11.97
CA THR D 17 12.60 12.17 11.88
C THR D 17 13.76 12.10 12.88
N THR D 18 13.44 11.67 14.09
CA THR D 18 14.48 11.40 15.07
C THR D 18 15.53 10.41 14.54
N GLU D 19 15.09 9.35 13.87
CA GLU D 19 16.00 8.35 13.34
C GLU D 19 16.85 8.90 12.23
N LEU D 20 16.23 9.71 11.39
CA LEU D 20 16.95 10.41 10.33
C LEU D 20 18.07 11.23 10.89
N MET D 21 17.75 11.99 11.93
CA MET D 21 18.74 12.82 12.61
C MET D 21 19.77 12.02 13.31
N ARG D 22 19.39 10.89 13.91
CA ARG D 22 20.37 10.05 14.55
C ARG D 22 21.40 9.64 13.55
N ARG D 23 20.95 9.29 12.36
CA ARG D 23 21.89 8.81 11.33
C ARG D 23 22.77 9.92 10.83
N VAL D 24 22.18 11.08 10.59
CA VAL D 24 22.93 12.27 10.16
C VAL D 24 24.01 12.62 11.18
N GLN D 25 23.63 12.64 12.44
CA GLN D 25 24.58 12.97 13.50
C GLN D 25 25.77 12.05 13.49
N ARG D 26 25.56 10.78 13.17
CA ARG D 26 26.67 9.83 13.13
C ARG D 26 27.69 10.24 12.10
N HIS D 27 27.21 10.76 10.98
CA HIS D 27 28.10 11.11 9.90
C HIS D 27 28.79 12.38 10.22
N LYS D 28 28.04 13.33 10.76
CA LYS D 28 28.63 14.59 11.11
C LYS D 28 29.81 14.36 12.06
N HIS D 29 29.67 13.39 12.93
CA HIS D 29 30.72 13.14 13.90
C HIS D 29 31.99 12.63 13.28
N ALA D 30 31.84 11.96 12.14
CA ALA D 30 32.97 11.51 11.34
C ALA D 30 33.37 12.55 10.32
N GLN D 31 32.99 13.81 10.54
CA GLN D 31 33.39 14.92 9.66
C GLN D 31 32.89 14.76 8.22
N ARG D 32 31.72 14.19 8.06
CA ARG D 32 31.11 14.16 6.75
C ARG D 32 30.10 15.27 6.67
N SER D 33 29.98 15.88 5.50
CA SER D 33 29.14 17.04 5.33
C SER D 33 27.71 16.57 5.03
N CYS D 34 26.73 17.18 5.69
CA CYS D 34 25.35 16.79 5.55
C CYS D 34 24.45 17.95 5.16
N TYR D 35 23.54 17.70 4.23
CA TYR D 35 22.66 18.72 3.67
C TYR D 35 21.27 18.24 3.92
N ILE D 36 20.51 19.02 4.69
CA ILE D 36 19.20 18.61 5.15
C ILE D 36 18.11 19.41 4.46
N ILE D 37 17.24 18.69 3.78
CA ILE D 37 16.16 19.24 3.03
C ILE D 37 14.84 18.97 3.77
N LYS D 38 14.07 20.03 4.01
CA LYS D 38 12.73 19.97 4.61
C LYS D 38 11.73 20.52 3.57
N TYR D 39 10.47 20.22 3.82
CA TYR D 39 9.38 20.71 2.97
C TYR D 39 8.88 22.09 3.47
N THR D 40 8.47 22.96 2.55
CA THR D 40 7.74 24.20 2.92
C THR D 40 6.34 23.84 3.45
N ALA D 60 24.11 21.57 6.25
CA ALA D 60 23.31 22.51 5.45
C ALA D 60 21.81 22.30 5.66
N ASN D 61 21.01 23.35 5.43
CA ASN D 61 19.55 23.29 5.61
C ASN D 61 18.83 24.11 4.53
N VAL D 62 17.68 23.65 4.13
CA VAL D 62 16.90 24.35 3.12
C VAL D 62 15.49 23.83 3.18
N SER D 63 14.53 24.66 2.87
CA SER D 63 13.13 24.24 2.79
C SER D 63 12.65 24.54 1.38
N VAL D 64 12.05 23.56 0.74
CA VAL D 64 11.56 23.73 -0.62
C VAL D 64 10.29 22.97 -0.74
N SER D 65 9.61 23.19 -1.85
CA SER D 65 8.32 22.57 -2.15
C SER D 65 8.50 21.44 -3.12
N ASN D 66 9.59 21.48 -3.87
CA ASN D 66 10.05 20.32 -4.60
C ASN D 66 11.56 20.33 -4.76
N LEU D 67 12.10 19.17 -5.10
CA LEU D 67 13.53 18.97 -4.98
C LEU D 67 14.31 19.60 -6.12
N HIS D 68 13.64 19.88 -7.23
CA HIS D 68 14.26 20.65 -8.30
C HIS D 68 14.75 22.02 -7.80
N ASP D 69 13.95 22.62 -6.92
CA ASP D 69 14.23 23.93 -6.38
C ASP D 69 15.48 24.01 -5.48
N VAL D 70 16.06 22.88 -5.13
CA VAL D 70 17.30 22.86 -4.37
C VAL D 70 18.50 23.18 -5.27
N GLY D 71 18.30 23.01 -6.58
CA GLY D 71 19.37 23.22 -7.51
C GLY D 71 20.50 22.24 -7.24
N ASP D 72 21.72 22.73 -7.36
CA ASP D 72 22.92 21.87 -7.37
C ASP D 72 23.74 21.96 -6.11
N GLU D 73 23.23 22.68 -5.11
CA GLU D 73 24.00 22.92 -3.88
C GLU D 73 24.37 21.60 -3.17
N TRP D 74 23.42 20.66 -3.20
CA TRP D 74 23.62 19.32 -2.64
C TRP D 74 24.85 18.60 -3.11
N ARG D 75 25.38 18.93 -4.30
CA ARG D 75 26.56 18.23 -4.82
C ARG D 75 27.80 18.46 -3.98
N LYS D 76 27.83 19.54 -3.21
CA LYS D 76 29.00 19.85 -2.36
C LYS D 76 29.08 19.00 -1.07
N TYR D 77 28.10 18.11 -0.83
CA TYR D 77 27.94 17.39 0.46
C TYR D 77 28.01 15.86 0.31
N ASP D 78 28.40 15.19 1.39
CA ASP D 78 28.56 13.73 1.40
C ASP D 78 27.24 13.02 1.60
N VAL D 79 26.42 13.60 2.47
CA VAL D 79 25.15 13.03 2.88
C VAL D 79 24.03 14.01 2.60
N ILE D 80 22.95 13.50 1.99
CA ILE D 80 21.75 14.25 1.74
C ILE D 80 20.64 13.62 2.53
N ALA D 81 19.95 14.42 3.34
CA ALA D 81 18.85 13.95 4.14
C ALA D 81 17.58 14.66 3.68
N VAL D 82 16.53 13.90 3.37
CA VAL D 82 15.24 14.44 3.03
C VAL D 82 14.22 14.02 4.09
N ASP D 83 13.61 15.00 4.73
CA ASP D 83 12.59 14.78 5.75
C ASP D 83 11.22 14.95 5.11
N GLU D 84 10.22 14.18 5.54
CA GLU D 84 8.84 14.30 5.02
C GLU D 84 8.77 14.04 3.51
N GLY D 85 9.43 12.96 3.11
CA GLY D 85 9.57 12.64 1.71
C GLY D 85 8.29 12.51 0.95
N GLN D 86 7.21 12.13 1.62
CA GLN D 86 5.91 11.95 0.95
C GLN D 86 5.36 13.24 0.32
N PHE D 87 5.83 14.39 0.81
CA PHE D 87 5.41 15.67 0.29
C PHE D 87 6.08 16.05 -1.02
N PHE D 88 7.17 15.41 -1.39
CA PHE D 88 7.88 15.80 -2.60
C PHE D 88 7.51 14.91 -3.74
N PRO D 89 6.88 15.47 -4.78
CA PRO D 89 6.44 14.59 -5.86
C PRO D 89 7.57 14.01 -6.72
N ASP D 90 8.78 14.53 -6.63
CA ASP D 90 9.87 14.07 -7.48
C ASP D 90 11.00 13.37 -6.68
N VAL D 91 10.66 12.89 -5.48
CA VAL D 91 11.69 12.40 -4.55
C VAL D 91 12.48 11.21 -5.06
N ALA D 92 11.82 10.32 -5.79
CA ALA D 92 12.50 9.10 -6.26
C ALA D 92 13.62 9.45 -7.23
N ALA D 93 13.30 10.28 -8.19
CA ALA D 93 14.28 10.74 -9.19
C ALA D 93 15.44 11.47 -8.53
N PHE D 94 15.11 12.36 -7.59
CA PHE D 94 16.16 13.10 -6.88
C PHE D 94 17.11 12.17 -6.15
N CYS D 95 16.55 11.22 -5.40
CA CYS D 95 17.38 10.31 -4.63
C CYS D 95 18.27 9.49 -5.51
N SER D 96 17.72 8.99 -6.61
CA SER D 96 18.48 8.20 -7.56
C SER D 96 19.63 9.00 -8.17
N LYS D 97 19.36 10.24 -8.59
CA LYS D 97 20.41 11.12 -9.17
C LYS D 97 21.52 11.32 -8.16
N ALA D 98 21.14 11.64 -6.93
CA ALA D 98 22.11 11.88 -5.87
C ALA D 98 22.92 10.64 -5.56
N ALA D 99 22.25 9.49 -5.44
CA ALA D 99 22.95 8.27 -5.09
C ALA D 99 23.89 7.84 -6.20
N ASP D 100 23.47 8.04 -7.44
CA ASP D 100 24.36 7.79 -8.59
C ASP D 100 25.60 8.71 -8.60
N SER D 101 25.48 9.89 -8.01
CA SER D 101 26.61 10.78 -7.89
C SER D 101 27.44 10.48 -6.66
N GLY D 102 27.15 9.39 -5.97
CA GLY D 102 28.00 8.94 -4.84
C GLY D 102 27.53 9.39 -3.46
N LYS D 103 26.37 10.00 -3.39
CA LYS D 103 25.89 10.51 -2.12
C LYS D 103 25.19 9.42 -1.33
N VAL D 104 25.31 9.54 -0.02
CA VAL D 104 24.48 8.78 0.90
C VAL D 104 23.22 9.60 1.04
N VAL D 105 22.11 9.00 0.63
CA VAL D 105 20.81 9.66 0.65
C VAL D 105 19.94 8.97 1.68
N ILE D 106 19.41 9.75 2.63
CA ILE D 106 18.59 9.22 3.71
C ILE D 106 17.28 9.95 3.65
N VAL D 107 16.20 9.19 3.61
CA VAL D 107 14.87 9.75 3.45
C VAL D 107 13.97 9.26 4.54
N SER D 108 13.29 10.18 5.20
CA SER D 108 12.27 9.84 6.18
C SER D 108 10.95 10.19 5.56
N ALA D 109 9.97 9.30 5.65
CA ALA D 109 8.69 9.50 4.96
C ALA D 109 7.61 8.58 5.46
N LEU D 110 6.38 9.02 5.33
CA LEU D 110 5.24 8.18 5.49
C LEU D 110 5.13 7.27 4.29
N ASP D 111 4.86 6.00 4.55
CA ASP D 111 4.59 5.04 3.48
C ASP D 111 3.13 5.06 3.13
N ALA D 112 2.28 5.44 4.10
CA ALA D 112 0.83 5.38 3.94
C ALA D 112 0.14 6.66 4.38
N ASP D 113 -0.93 7.03 3.69
CA ASP D 113 -1.75 8.18 4.08
C ASP D 113 -2.77 7.78 5.10
N TYR D 114 -3.59 8.73 5.53
CA TYR D 114 -4.61 8.50 6.56
C TYR D 114 -5.70 7.51 6.18
N LEU D 115 -5.77 7.15 4.91
CA LEU D 115 -6.72 6.18 4.39
C LEU D 115 -6.06 4.84 4.13
N GLN D 116 -4.85 4.67 4.65
CA GLN D 116 -4.07 3.42 4.50
C GLN D 116 -3.66 3.19 3.04
N GLU D 117 -3.68 4.24 2.21
CA GLU D 117 -3.27 4.11 0.82
C GLU D 117 -1.81 4.51 0.74
N PRO D 118 -1.04 3.84 -0.12
CA PRO D 118 0.36 4.18 -0.26
C PRO D 118 0.64 5.51 -0.95
N PHE D 119 1.69 6.19 -0.51
CA PHE D 119 2.27 7.30 -1.27
C PHE D 119 3.11 6.66 -2.36
N GLU D 120 2.66 6.74 -3.61
CA GLU D 120 3.21 5.93 -4.70
C GLU D 120 4.67 6.22 -4.92
N GLU D 121 5.08 7.46 -4.71
CA GLU D 121 6.47 7.86 -4.94
C GLU D 121 7.42 7.19 -3.92
N ILE D 122 6.93 6.99 -2.70
CA ILE D 122 7.75 6.30 -1.72
C ILE D 122 7.82 4.84 -2.12
N CYS D 123 6.66 4.24 -2.09
CA CYS D 123 6.59 2.86 -2.37
C CYS D 123 7.44 2.52 -3.60
N LEU D 124 7.67 3.50 -4.46
CA LEU D 124 8.62 3.34 -5.54
C LEU D 124 10.05 3.38 -5.04
N LEU D 125 10.33 4.30 -4.13
CA LEU D 125 11.65 4.42 -3.53
C LEU D 125 12.06 3.09 -2.89
N VAL D 126 11.11 2.46 -2.19
CA VAL D 126 11.35 1.17 -1.56
C VAL D 126 12.14 0.28 -2.49
N SER D 127 11.67 0.21 -3.72
CA SER D 127 12.29 -0.65 -4.72
C SER D 127 13.68 -0.23 -5.16
N ARG D 128 14.01 1.04 -4.98
CA ARG D 128 15.28 1.62 -5.39
C ARG D 128 16.25 1.73 -4.19
N ALA D 129 15.81 1.36 -3.00
CA ALA D 129 16.60 1.59 -1.78
C ALA D 129 17.49 0.43 -1.41
N ASP D 130 18.67 0.77 -0.89
CA ASP D 130 19.60 -0.24 -0.34
C ASP D 130 19.10 -0.72 1.01
N SER D 131 18.36 0.12 1.70
CA SER D 131 17.96 -0.15 3.06
C SER D 131 16.57 0.37 3.29
N VAL D 132 15.72 -0.43 3.94
CA VAL D 132 14.37 0.02 4.25
C VAL D 132 14.03 -0.42 5.63
N VAL D 133 13.60 0.52 6.44
CA VAL D 133 13.27 0.24 7.83
C VAL D 133 11.92 0.84 8.06
N LYS D 134 11.00 0.04 8.55
CA LYS D 134 9.67 0.57 8.86
C LYS D 134 9.52 0.59 10.36
N LEU D 135 9.46 1.80 10.90
CA LEU D 135 9.31 1.99 12.33
C LEU D 135 7.86 1.91 12.73
N SER D 136 7.63 1.67 14.01
CA SER D 136 6.27 1.65 14.53
C SER D 136 6.14 2.74 15.57
N ALA D 137 4.90 3.14 15.81
CA ALA D 137 4.54 4.03 16.91
C ALA D 137 3.86 3.20 17.98
N VAL D 138 3.35 3.86 19.01
CA VAL D 138 2.52 3.19 20.03
C VAL D 138 1.08 3.66 19.84
N CYS D 139 0.15 2.71 19.93
CA CYS D 139 -1.24 3.03 19.65
C CYS D 139 -1.72 4.09 20.63
N MET D 140 -2.16 5.22 20.09
CA MET D 140 -2.59 6.36 20.91
C MET D 140 -4.03 6.22 21.39
N GLU D 141 -4.74 5.23 20.87
CA GLU D 141 -6.12 4.93 21.24
C GLU D 141 -6.19 3.91 22.38
N CYS D 142 -5.60 2.74 22.19
CA CYS D 142 -5.65 1.70 23.22
C CYS D 142 -4.48 1.74 24.16
N HIS D 143 -3.39 2.39 23.75
CA HIS D 143 -2.22 2.57 24.60
C HIS D 143 -1.51 1.24 24.92
N ASN D 144 -1.89 0.15 24.25
CA ASN D 144 -1.38 -1.19 24.60
C ASN D 144 -0.55 -1.94 23.55
N ARG D 145 -0.61 -1.51 22.29
CA ARG D 145 -0.09 -2.28 21.18
C ARG D 145 0.74 -1.34 20.30
N LYS D 146 1.62 -1.94 19.48
CA LYS D 146 2.38 -1.19 18.49
C LYS D 146 1.43 -0.72 17.41
N ALA D 147 1.74 0.45 16.87
CA ALA D 147 0.90 1.11 15.89
C ALA D 147 1.64 1.28 14.57
N SER D 148 1.00 0.82 13.49
CA SER D 148 1.57 0.94 12.15
C SER D 148 0.74 1.82 11.20
N PHE D 149 -0.28 2.51 11.73
CA PHE D 149 -1.20 3.29 10.90
C PHE D 149 -1.46 4.67 11.49
N THR D 150 -1.78 5.61 10.62
CA THR D 150 -2.08 6.96 11.04
C THR D 150 -3.54 7.22 10.77
N TYR D 151 -4.26 7.65 11.79
CA TYR D 151 -5.67 8.02 11.67
C TYR D 151 -5.79 9.53 11.79
N ARG D 152 -6.55 10.13 10.86
CA ARG D 152 -6.83 11.59 10.89
C ARG D 152 -8.02 11.89 11.80
N THR D 153 -7.84 12.77 12.78
CA THR D 153 -8.88 13.00 13.79
C THR D 153 -9.74 14.21 13.47
N VAL D 154 -9.43 14.91 12.40
CA VAL D 154 -10.23 16.05 11.96
C VAL D 154 -10.83 15.70 10.61
N LYS D 155 -11.99 16.28 10.32
CA LYS D 155 -12.69 16.08 9.06
C LYS D 155 -11.95 16.94 8.04
N SER D 156 -11.44 16.29 7.00
CA SER D 156 -10.83 16.98 5.85
C SER D 156 -10.53 15.90 4.82
N ASP D 157 -10.78 16.24 3.55
CA ASP D 157 -10.52 15.36 2.41
C ASP D 157 -9.24 15.75 1.64
N GLU D 158 -8.52 16.78 2.09
CA GLU D 158 -7.22 17.14 1.50
C GLU D 158 -6.19 16.05 1.84
N ARG D 159 -5.55 15.43 0.84
CA ARG D 159 -4.61 14.34 1.13
C ARG D 159 -3.44 14.92 1.87
N LYS D 160 -2.98 16.09 1.44
CA LYS D 160 -1.94 16.82 2.19
C LYS D 160 -2.60 17.76 3.19
N LEU D 161 -2.32 17.54 4.47
CA LEU D 161 -2.81 18.40 5.53
C LEU D 161 -1.78 18.36 6.64
N VAL D 162 -0.96 19.40 6.70
CA VAL D 162 0.15 19.49 7.62
C VAL D 162 -0.36 19.71 9.05
N GLY D 163 0.18 18.93 9.99
CA GLY D 163 -0.21 19.04 11.39
C GLY D 163 0.32 17.90 12.22
N GLY D 164 0.00 17.96 13.52
CA GLY D 164 0.52 17.05 14.53
C GLY D 164 -0.59 16.31 15.25
N SER D 165 -0.41 16.10 16.55
CA SER D 165 -1.36 15.33 17.34
C SER D 165 -2.71 16.02 17.53
N ASP D 166 -2.79 17.29 17.16
CA ASP D 166 -4.06 17.99 17.07
C ASP D 166 -4.93 17.53 15.86
N MET D 167 -4.34 16.89 14.87
CA MET D 167 -5.05 16.44 13.67
C MET D 167 -4.90 14.95 13.34
N TYR D 168 -3.96 14.29 14.00
CA TYR D 168 -3.66 12.88 13.70
C TYR D 168 -3.29 12.12 14.95
N MET D 169 -3.57 10.83 14.95
CA MET D 169 -3.03 9.92 15.95
C MET D 169 -2.61 8.62 15.26
N SER D 170 -1.64 7.94 15.87
CA SER D 170 -1.18 6.67 15.34
C SER D 170 -1.91 5.56 16.06
N VAL D 171 -2.30 4.54 15.31
CA VAL D 171 -3.12 3.48 15.85
C VAL D 171 -2.70 2.11 15.34
N CYS D 172 -3.01 1.10 16.15
CA CYS D 172 -2.81 -0.30 15.75
C CYS D 172 -3.89 -0.69 14.73
N ARG D 173 -3.77 -1.90 14.18
CA ARG D 173 -4.65 -2.35 13.10
C ARG D 173 -6.11 -2.35 13.54
N SER D 174 -6.39 -2.90 14.71
CA SER D 174 -7.79 -3.04 15.13
C SER D 174 -8.42 -1.72 15.52
N CYS D 175 -7.65 -0.86 16.18
CA CYS D 175 -8.13 0.48 16.50
C CYS D 175 -8.42 1.24 15.22
N TYR D 176 -7.56 1.12 14.23
CA TYR D 176 -7.82 1.80 12.96
C TYR D 176 -9.19 1.37 12.41
N GLU D 177 -9.50 0.08 12.47
CA GLU D 177 -10.79 -0.44 11.96
C GLU D 177 -11.97 0.12 12.72
N THR D 178 -11.87 0.04 14.05
CA THR D 178 -12.98 0.44 14.93
C THR D 178 -13.24 1.93 14.74
N LYS D 179 -12.19 2.74 14.76
CA LYS D 179 -12.35 4.17 14.59
C LYS D 179 -12.92 4.56 13.26
N ARG D 180 -12.70 3.73 12.27
CA ARG D 180 -13.38 3.99 10.98
C ARG D 180 -14.90 4.29 11.06
N HIS E 2 -43.35 20.47 -41.33
CA HIS E 2 -44.59 20.56 -40.50
C HIS E 2 -44.43 20.09 -39.02
N GLY E 3 -43.43 20.61 -38.32
CA GLY E 3 -43.40 20.49 -36.88
C GLY E 3 -42.48 19.36 -36.43
N ARG E 4 -41.82 19.57 -35.29
CA ARG E 4 -40.80 18.65 -34.81
C ARG E 4 -40.46 19.02 -33.41
N ILE E 5 -39.93 18.04 -32.70
CA ILE E 5 -39.49 18.19 -31.33
C ILE E 5 -38.02 17.79 -31.26
N GLU E 6 -37.20 18.70 -30.78
CA GLU E 6 -35.77 18.52 -30.61
C GLU E 6 -35.49 18.67 -29.14
N LEU E 7 -34.73 17.73 -28.61
CA LEU E 7 -34.50 17.61 -27.19
C LEU E 7 -33.01 17.58 -26.92
N ILE E 8 -32.58 18.42 -26.00
CA ILE E 8 -31.18 18.58 -25.62
C ILE E 8 -31.09 18.27 -24.15
N ILE E 9 -30.38 17.20 -23.83
CA ILE E 9 -30.28 16.74 -22.45
C ILE E 9 -28.84 16.63 -22.05
N GLY E 10 -28.59 16.21 -20.82
CA GLY E 10 -27.23 16.09 -20.31
C GLY E 10 -27.23 16.66 -18.92
N PRO E 11 -26.12 16.50 -18.19
CA PRO E 11 -26.00 17.08 -16.85
C PRO E 11 -25.78 18.57 -16.87
N MET E 12 -25.73 19.16 -15.70
CA MET E 12 -25.44 20.58 -15.58
C MET E 12 -24.05 20.88 -16.14
N PHE E 13 -23.88 22.09 -16.64
CA PHE E 13 -22.59 22.59 -17.12
C PHE E 13 -22.11 21.93 -18.40
N ALA E 14 -23.06 21.39 -19.14
CA ALA E 14 -22.79 20.76 -20.42
C ALA E 14 -23.05 21.73 -21.56
N GLY E 15 -23.56 22.90 -21.25
CA GLY E 15 -23.89 23.88 -22.25
C GLY E 15 -25.21 23.62 -22.96
N LYS E 16 -26.17 22.96 -22.31
CA LYS E 16 -27.48 22.74 -22.92
C LYS E 16 -28.21 24.02 -23.31
N THR E 17 -28.21 24.99 -22.43
CA THR E 17 -28.88 26.26 -22.70
C THR E 17 -28.17 27.00 -23.84
N THR E 18 -26.84 26.97 -23.83
CA THR E 18 -26.06 27.54 -24.93
C THR E 18 -26.45 26.91 -26.26
N GLU E 19 -26.60 25.60 -26.28
CA GLU E 19 -26.97 24.90 -27.49
C GLU E 19 -28.38 25.26 -27.95
N LEU E 20 -29.31 25.37 -27.00
CA LEU E 20 -30.65 25.80 -27.28
C LEU E 20 -30.67 27.15 -27.98
N MET E 21 -29.92 28.06 -27.42
CA MET E 21 -29.80 29.41 -27.95
C MET E 21 -29.09 29.43 -29.27
N ARG E 22 -28.09 28.58 -29.46
CA ARG E 22 -27.40 28.48 -30.73
C ARG E 22 -28.41 28.14 -31.82
N ARG E 23 -29.30 27.20 -31.51
CA ARG E 23 -30.26 26.75 -32.48
C ARG E 23 -31.28 27.83 -32.75
N VAL E 24 -31.78 28.47 -31.70
CA VAL E 24 -32.74 29.57 -31.84
C VAL E 24 -32.16 30.69 -32.72
N GLN E 25 -30.92 31.06 -32.43
CA GLN E 25 -30.26 32.13 -33.18
C GLN E 25 -30.20 31.81 -34.65
N ARG E 26 -29.97 30.55 -35.01
CA ARG E 26 -29.95 30.15 -36.41
C ARG E 26 -31.27 30.48 -37.09
N HIS E 27 -32.36 30.17 -36.42
CA HIS E 27 -33.70 30.44 -36.97
C HIS E 27 -33.96 31.92 -37.05
N LYS E 28 -33.53 32.66 -36.02
CA LYS E 28 -33.71 34.13 -36.00
C LYS E 28 -33.02 34.79 -37.18
N HIS E 29 -31.83 34.33 -37.54
CA HIS E 29 -31.13 34.88 -38.69
C HIS E 29 -31.86 34.65 -39.99
N ALA E 30 -32.69 33.62 -40.04
CA ALA E 30 -33.54 33.38 -41.21
C ALA E 30 -34.92 34.00 -41.07
N GLN E 31 -35.05 34.97 -40.19
CA GLN E 31 -36.31 35.72 -40.00
C GLN E 31 -37.46 34.82 -39.55
N ARG E 32 -37.15 33.80 -38.77
CA ARG E 32 -38.20 32.99 -38.22
C ARG E 32 -38.47 33.49 -36.81
N SER E 33 -39.73 33.47 -36.41
CA SER E 33 -40.13 34.04 -35.14
C SER E 33 -39.97 32.98 -34.05
N CYS E 34 -39.33 33.38 -32.95
CA CYS E 34 -39.02 32.45 -31.87
C CYS E 34 -39.59 32.92 -30.55
N TYR E 35 -40.17 32.00 -29.81
CA TYR E 35 -40.86 32.29 -28.57
C TYR E 35 -40.16 31.47 -27.51
N ILE E 36 -39.55 32.15 -26.55
CA ILE E 36 -38.69 31.53 -25.57
C ILE E 36 -39.37 31.52 -24.23
N ILE E 37 -39.55 30.31 -23.71
CA ILE E 37 -40.21 30.06 -22.45
C ILE E 37 -39.17 29.65 -21.41
N LYS E 38 -39.15 30.38 -20.30
CA LYS E 38 -38.28 30.09 -19.15
C LYS E 38 -39.17 29.78 -17.96
N TYR E 39 -38.55 29.19 -16.95
CA TYR E 39 -39.27 28.86 -15.71
C TYR E 39 -39.21 30.02 -14.74
N THR E 40 -40.28 30.23 -13.99
CA THR E 40 -40.38 31.31 -12.99
C THR E 40 -39.47 31.03 -11.81
N ARG E 56 -36.28 42.45 -38.71
CA ARG E 56 -37.73 42.34 -38.59
C ARG E 56 -38.18 40.87 -38.30
N ALA E 57 -37.49 40.21 -37.35
CA ALA E 57 -37.84 38.87 -36.84
C ALA E 57 -38.08 38.99 -35.34
N LEU E 58 -39.23 38.54 -34.84
CA LEU E 58 -39.60 38.75 -33.43
C LEU E 58 -39.12 37.55 -32.59
N THR E 59 -38.49 37.88 -31.46
CA THR E 59 -38.27 36.95 -30.38
C THR E 59 -39.05 37.45 -29.17
N ALA E 60 -39.97 36.62 -28.67
CA ALA E 60 -40.77 36.90 -27.45
C ALA E 60 -40.23 36.04 -26.33
N ASN E 61 -40.29 36.55 -25.12
CA ASN E 61 -39.85 35.87 -23.90
C ASN E 61 -40.96 35.83 -22.88
N VAL E 62 -41.01 34.77 -22.09
CA VAL E 62 -42.03 34.67 -21.04
C VAL E 62 -41.49 33.75 -19.98
N SER E 63 -41.86 34.02 -18.72
CA SER E 63 -41.50 33.14 -17.65
C SER E 63 -42.78 32.64 -17.04
N VAL E 64 -42.91 31.33 -16.87
CA VAL E 64 -44.09 30.74 -16.25
C VAL E 64 -43.66 29.58 -15.38
N SER E 65 -44.60 29.09 -14.60
CA SER E 65 -44.38 28.00 -13.67
C SER E 65 -44.94 26.72 -14.22
N ASN E 66 -45.88 26.85 -15.14
CA ASN E 66 -46.25 25.73 -16.01
C ASN E 66 -46.76 26.21 -17.35
N LEU E 67 -46.78 25.30 -18.30
CA LEU E 67 -46.92 25.69 -19.69
C LEU E 67 -48.34 26.07 -20.06
N HIS E 68 -49.31 25.63 -19.24
CA HIS E 68 -50.72 26.06 -19.39
C HIS E 68 -50.83 27.57 -19.30
N ASP E 69 -50.03 28.14 -18.42
CA ASP E 69 -50.03 29.58 -18.20
C ASP E 69 -49.52 30.43 -19.35
N VAL E 70 -48.95 29.81 -20.37
CA VAL E 70 -48.50 30.54 -21.55
C VAL E 70 -49.69 30.86 -22.47
N GLY E 71 -50.77 30.12 -22.29
CA GLY E 71 -51.94 30.33 -23.11
C GLY E 71 -51.64 30.04 -24.56
N ASP E 72 -52.18 30.86 -25.45
CA ASP E 72 -52.13 30.59 -26.89
C ASP E 72 -51.18 31.50 -27.67
N GLU E 73 -50.40 32.30 -26.96
CA GLU E 73 -49.52 33.27 -27.60
C GLU E 73 -48.49 32.60 -28.54
N TRP E 74 -47.98 31.46 -28.07
CA TRP E 74 -47.05 30.66 -28.84
C TRP E 74 -47.50 30.33 -30.26
N ARG E 75 -48.79 30.30 -30.53
CA ARG E 75 -49.27 29.93 -31.88
C ARG E 75 -48.84 30.93 -32.95
N LYS E 76 -48.52 32.16 -32.56
CA LYS E 76 -48.10 33.18 -33.56
C LYS E 76 -46.66 33.01 -34.05
N TYR E 77 -45.93 32.02 -33.55
CA TYR E 77 -44.47 31.88 -33.74
C TYR E 77 -44.09 30.59 -34.47
N ASP E 78 -42.93 30.60 -35.15
CA ASP E 78 -42.43 29.46 -35.90
C ASP E 78 -41.73 28.45 -35.04
N VAL E 79 -40.98 28.97 -34.07
CA VAL E 79 -40.15 28.16 -33.18
C VAL E 79 -40.54 28.44 -31.74
N ILE E 80 -40.67 27.38 -30.97
CA ILE E 80 -40.89 27.45 -29.53
C ILE E 80 -39.72 26.81 -28.82
N ALA E 81 -39.12 27.54 -27.89
CA ALA E 81 -37.97 27.05 -27.14
C ALA E 81 -38.35 27.02 -25.69
N VAL E 82 -38.11 25.89 -25.06
CA VAL E 82 -38.34 25.73 -23.64
C VAL E 82 -37.03 25.42 -22.96
N ASP E 83 -36.65 26.29 -22.04
CA ASP E 83 -35.41 26.13 -21.27
C ASP E 83 -35.75 25.53 -19.91
N GLU E 84 -34.87 24.70 -19.36
CA GLU E 84 -35.08 24.06 -18.04
C GLU E 84 -36.36 23.21 -18.00
N GLY E 85 -36.52 22.38 -19.02
CA GLY E 85 -37.73 21.60 -19.20
C GLY E 85 -38.10 20.73 -18.05
N GLN E 86 -37.12 20.30 -17.27
CA GLN E 86 -37.39 19.44 -16.12
C GLN E 86 -38.26 20.07 -15.04
N PHE E 87 -38.32 21.40 -15.02
CA PHE E 87 -39.15 22.14 -14.09
C PHE E 87 -40.63 22.19 -14.46
N PHE E 88 -40.97 21.87 -15.69
CA PHE E 88 -42.36 21.94 -16.10
C PHE E 88 -43.02 20.59 -16.05
N PRO E 89 -44.03 20.42 -15.21
CA PRO E 89 -44.63 19.10 -15.13
C PRO E 89 -45.46 18.67 -16.35
N ASP E 90 -45.84 19.58 -17.22
CA ASP E 90 -46.70 19.24 -18.35
C ASP E 90 -45.98 19.37 -19.71
N VAL E 91 -44.66 19.32 -19.68
CA VAL E 91 -43.87 19.68 -20.86
C VAL E 91 -44.12 18.79 -22.07
N ALA E 92 -44.34 17.51 -21.80
CA ALA E 92 -44.50 16.54 -22.91
C ALA E 92 -45.73 16.88 -23.73
N ALA E 93 -46.85 17.06 -23.02
CA ALA E 93 -48.10 17.41 -23.68
C ALA E 93 -47.97 18.71 -24.46
N PHE E 94 -47.36 19.70 -23.83
CA PHE E 94 -47.18 20.98 -24.49
C PHE E 94 -46.39 20.86 -25.79
N CYS E 95 -45.27 20.16 -25.73
CA CYS E 95 -44.42 20.03 -26.91
C CYS E 95 -45.14 19.29 -28.04
N SER E 96 -45.86 18.23 -27.68
CA SER E 96 -46.62 17.47 -28.66
C SER E 96 -47.71 18.32 -29.33
N LYS E 97 -48.46 19.06 -28.52
CA LYS E 97 -49.48 19.96 -29.05
C LYS E 97 -48.87 20.96 -30.05
N ALA E 98 -47.78 21.59 -29.64
CA ALA E 98 -47.11 22.57 -30.47
C ALA E 98 -46.55 21.97 -31.76
N ALA E 99 -45.91 20.82 -31.63
CA ALA E 99 -45.32 20.19 -32.81
C ALA E 99 -46.40 19.75 -33.79
N ASP E 100 -47.51 19.24 -33.26
CA ASP E 100 -48.66 18.91 -34.12
C ASP E 100 -49.25 20.13 -34.86
N SER E 101 -49.10 21.31 -34.29
CA SER E 101 -49.52 22.53 -34.94
C SER E 101 -48.47 23.07 -35.87
N GLY E 102 -47.41 22.31 -36.12
CA GLY E 102 -46.41 22.71 -37.11
C GLY E 102 -45.22 23.50 -36.57
N LYS E 103 -45.12 23.61 -35.25
CA LYS E 103 -44.01 24.35 -34.67
C LYS E 103 -42.77 23.49 -34.54
N VAL E 104 -41.63 24.15 -34.68
CA VAL E 104 -40.35 23.57 -34.30
C VAL E 104 -40.21 23.84 -32.81
N VAL E 105 -40.15 22.77 -32.03
CA VAL E 105 -40.09 22.84 -30.59
C VAL E 105 -38.72 22.36 -30.17
N ILE E 106 -38.01 23.20 -29.42
CA ILE E 106 -36.67 22.86 -28.94
C ILE E 106 -36.71 22.95 -27.44
N VAL E 107 -36.29 21.88 -26.80
CA VAL E 107 -36.31 21.81 -25.35
C VAL E 107 -34.94 21.50 -24.81
N SER E 108 -34.49 22.28 -23.84
CA SER E 108 -33.27 21.99 -23.10
C SER E 108 -33.70 21.55 -21.72
N ALA E 109 -33.12 20.46 -21.23
CA ALA E 109 -33.52 19.91 -19.94
C ALA E 109 -32.51 18.94 -19.37
N LEU E 110 -32.49 18.82 -18.05
CA LEU E 110 -31.81 17.74 -17.38
C LEU E 110 -32.61 16.46 -17.59
N ASP E 111 -31.89 15.39 -17.89
CA ASP E 111 -32.52 14.08 -17.98
C ASP E 111 -32.56 13.41 -16.62
N ALA E 112 -31.62 13.78 -15.75
CA ALA E 112 -31.44 13.15 -14.44
C ALA E 112 -31.31 14.17 -13.31
N ASP E 113 -31.84 13.82 -12.14
CA ASP E 113 -31.69 14.66 -10.96
C ASP E 113 -30.38 14.33 -10.24
N TYR E 114 -30.12 15.03 -9.14
CA TYR E 114 -28.87 14.87 -8.39
C TYR E 114 -28.68 13.50 -7.75
N LEU E 115 -29.74 12.69 -7.75
CA LEU E 115 -29.69 11.33 -7.25
C LEU E 115 -29.64 10.31 -8.39
N GLN E 116 -29.37 10.78 -9.60
CA GLN E 116 -29.32 9.94 -10.79
C GLN E 116 -30.65 9.33 -11.16
N GLU E 117 -31.74 9.91 -10.65
CA GLU E 117 -33.07 9.43 -10.99
C GLU E 117 -33.60 10.26 -12.13
N PRO E 118 -34.35 9.64 -13.03
CA PRO E 118 -34.84 10.37 -14.21
C PRO E 118 -35.94 11.34 -13.90
N PHE E 119 -35.95 12.45 -14.61
CA PHE E 119 -37.12 13.29 -14.65
C PHE E 119 -38.08 12.62 -15.62
N GLU E 120 -39.16 12.05 -15.11
CA GLU E 120 -40.00 11.14 -15.89
C GLU E 120 -40.58 11.81 -17.13
N GLU E 121 -40.90 13.09 -16.99
CA GLU E 121 -41.54 13.81 -18.05
C GLU E 121 -40.57 14.00 -19.24
N ILE E 122 -39.29 14.16 -18.93
CA ILE E 122 -38.27 14.36 -19.96
C ILE E 122 -37.99 13.05 -20.69
N CYS E 123 -38.00 11.97 -19.92
CA CYS E 123 -37.94 10.63 -20.51
C CYS E 123 -39.07 10.39 -21.52
N LEU E 124 -40.26 10.78 -21.14
CA LEU E 124 -41.41 10.68 -22.05
C LEU E 124 -41.15 11.50 -23.32
N LEU E 125 -40.53 12.65 -23.15
CA LEU E 125 -40.23 13.46 -24.28
C LEU E 125 -39.26 12.75 -25.23
N VAL E 126 -38.32 11.99 -24.67
CA VAL E 126 -37.34 11.29 -25.48
C VAL E 126 -38.05 10.46 -26.51
N SER E 127 -39.06 9.72 -26.05
CA SER E 127 -39.84 8.82 -26.92
C SER E 127 -40.67 9.56 -27.98
N ARG E 128 -40.96 10.84 -27.76
CA ARG E 128 -41.74 11.66 -28.72
C ARG E 128 -40.92 12.55 -29.59
N ALA E 129 -39.62 12.57 -29.38
CA ALA E 129 -38.75 13.53 -30.04
C ALA E 129 -38.20 13.06 -31.36
N ASP E 130 -38.09 13.99 -32.31
CA ASP E 130 -37.45 13.70 -33.60
C ASP E 130 -35.95 13.65 -33.45
N SER E 131 -35.43 14.34 -32.46
CA SER E 131 -34.00 14.50 -32.30
C SER E 131 -33.69 14.47 -30.82
N VAL E 132 -32.66 13.73 -30.42
CA VAL E 132 -32.24 13.72 -29.04
C VAL E 132 -30.77 13.79 -29.01
N VAL E 133 -30.24 14.75 -28.27
CA VAL E 133 -28.81 14.93 -28.15
C VAL E 133 -28.50 15.03 -26.71
N LYS E 134 -27.57 14.20 -26.23
CA LYS E 134 -27.19 14.24 -24.83
C LYS E 134 -25.81 14.80 -24.81
N LEU E 135 -25.69 16.00 -24.27
CA LEU E 135 -24.41 16.66 -24.11
C LEU E 135 -23.71 16.20 -22.85
N SER E 136 -22.40 16.37 -22.82
CA SER E 136 -21.63 16.01 -21.65
C SER E 136 -20.97 17.26 -21.13
N ALA E 137 -20.60 17.21 -19.86
CA ALA E 137 -19.79 18.22 -19.22
C ALA E 137 -18.41 17.66 -19.03
N VAL E 138 -17.55 18.42 -18.37
CA VAL E 138 -16.23 17.91 -17.98
C VAL E 138 -16.22 17.71 -16.49
N CYS E 139 -15.66 16.59 -16.03
CA CYS E 139 -15.72 16.24 -14.62
C CYS E 139 -15.04 17.34 -13.81
N MET E 140 -15.80 17.96 -12.90
CA MET E 140 -15.29 19.06 -12.08
C MET E 140 -14.47 18.58 -10.89
N GLU E 141 -14.50 17.28 -10.63
CA GLU E 141 -13.79 16.67 -9.53
C GLU E 141 -12.41 16.19 -9.97
N CYS E 142 -12.36 15.32 -10.98
CA CYS E 142 -11.07 14.78 -11.43
C CYS E 142 -10.47 15.53 -12.57
N HIS E 143 -11.29 16.28 -13.28
CA HIS E 143 -10.76 17.16 -14.31
C HIS E 143 -10.21 16.41 -15.50
N ASN E 144 -10.45 15.11 -15.57
CA ASN E 144 -9.83 14.26 -16.61
C ASN E 144 -10.77 13.50 -17.57
N ARG E 145 -12.06 13.45 -17.26
CA ARG E 145 -13.01 12.67 -18.03
C ARG E 145 -14.22 13.51 -18.33
N LYS E 146 -14.98 13.03 -19.31
CA LYS E 146 -16.28 13.58 -19.59
C LYS E 146 -17.20 13.22 -18.45
N ALA E 147 -18.12 14.14 -18.19
CA ALA E 147 -19.07 14.01 -17.09
C ALA E 147 -20.48 13.93 -17.62
N SER E 148 -21.20 12.92 -17.16
CA SER E 148 -22.61 12.73 -17.53
C SER E 148 -23.60 12.83 -16.36
N PHE E 149 -23.12 13.24 -15.19
CA PHE E 149 -23.93 13.26 -13.95
C PHE E 149 -23.76 14.56 -13.18
N THR E 150 -24.80 14.92 -12.44
CA THR E 150 -24.76 16.12 -11.64
C THR E 150 -24.80 15.70 -10.19
N TYR E 151 -23.82 16.20 -9.44
CA TYR E 151 -23.74 15.97 -8.00
C TYR E 151 -24.09 17.27 -7.25
N ARG E 152 -24.99 17.17 -6.27
CA ARG E 152 -25.33 18.34 -5.41
C ARG E 152 -24.34 18.50 -4.27
N THR E 153 -23.75 19.68 -4.13
CA THR E 153 -22.67 19.87 -3.16
C THR E 153 -23.16 20.50 -1.85
N VAL E 154 -24.44 20.82 -1.77
CA VAL E 154 -25.03 21.34 -0.55
C VAL E 154 -26.05 20.33 -0.07
N LYS E 155 -26.25 20.32 1.26
CA LYS E 155 -27.19 19.43 1.92
C LYS E 155 -28.58 20.02 1.67
N SER E 156 -29.44 19.26 1.01
CA SER E 156 -30.85 19.62 0.83
C SER E 156 -31.51 18.43 0.15
N ASP E 157 -32.74 18.16 0.60
CA ASP E 157 -33.57 17.07 0.08
C ASP E 157 -34.64 17.56 -0.87
N GLU E 158 -34.70 18.86 -1.12
CA GLU E 158 -35.64 19.39 -2.11
C GLU E 158 -35.23 18.94 -3.52
N ARG E 159 -36.11 18.28 -4.27
CA ARG E 159 -35.71 17.82 -5.60
C ARG E 159 -35.47 19.06 -6.46
N LYS E 160 -36.35 20.04 -6.34
CA LYS E 160 -36.11 21.33 -7.03
C LYS E 160 -35.33 22.27 -6.11
N LEU E 161 -34.16 22.68 -6.56
CA LEU E 161 -33.35 23.64 -5.87
C LEU E 161 -32.49 24.39 -6.86
N VAL E 162 -32.93 25.59 -7.20
CA VAL E 162 -32.31 26.38 -8.26
C VAL E 162 -30.98 26.96 -7.84
N GLY E 163 -29.99 26.84 -8.71
CA GLY E 163 -28.65 27.28 -8.40
C GLY E 163 -27.63 26.80 -9.40
N GLY E 164 -26.39 27.21 -9.19
CA GLY E 164 -25.26 26.98 -10.10
C GLY E 164 -24.13 26.19 -9.46
N SER E 165 -22.91 26.57 -9.79
CA SER E 165 -21.72 25.86 -9.28
C SER E 165 -21.48 26.03 -7.78
N ASP E 166 -22.22 26.96 -7.16
CA ASP E 166 -22.22 27.08 -5.71
C ASP E 166 -23.00 25.94 -5.02
N MET E 167 -23.86 25.24 -5.76
CA MET E 167 -24.67 24.16 -5.21
C MET E 167 -24.55 22.81 -5.94
N TYR E 168 -23.92 22.81 -7.11
CA TYR E 168 -23.80 21.60 -7.93
C TYR E 168 -22.49 21.55 -8.67
N MET E 169 -22.04 20.33 -8.94
CA MET E 169 -20.95 20.12 -9.87
C MET E 169 -21.26 18.91 -10.75
N SER E 170 -20.67 18.89 -11.94
CA SER E 170 -20.88 17.80 -12.84
C SER E 170 -19.71 16.85 -12.69
N VAL E 171 -20.00 15.54 -12.73
CA VAL E 171 -19.00 14.53 -12.47
C VAL E 171 -19.13 13.33 -13.40
N CYS E 172 -18.01 12.65 -13.58
CA CYS E 172 -17.97 11.38 -14.30
C CYS E 172 -18.52 10.27 -13.40
N ARG E 173 -18.69 9.08 -13.99
CA ARG E 173 -19.39 7.98 -13.30
C ARG E 173 -18.68 7.60 -12.01
N SER E 174 -17.37 7.45 -12.08
CA SER E 174 -16.63 6.99 -10.89
C SER E 174 -16.54 8.05 -9.79
N CYS E 175 -16.35 9.30 -10.17
CA CYS E 175 -16.40 10.39 -9.21
C CYS E 175 -17.75 10.44 -8.53
N TYR E 176 -18.82 10.31 -9.29
CA TYR E 176 -20.14 10.34 -8.67
C TYR E 176 -20.23 9.29 -7.58
N GLU E 177 -19.70 8.09 -7.84
CA GLU E 177 -19.75 6.97 -6.87
C GLU E 177 -18.96 7.30 -5.62
N THR E 178 -17.73 7.76 -5.83
CA THR E 178 -16.81 8.02 -4.71
C THR E 178 -17.42 9.12 -3.83
N LYS E 179 -17.88 10.18 -4.45
CA LYS E 179 -18.46 11.29 -3.69
C LYS E 179 -19.70 10.84 -2.91
N ARG E 180 -20.49 9.98 -3.52
CA ARG E 180 -21.71 9.48 -2.86
C ARG E 180 -21.36 8.71 -1.58
N ASN E 181 -20.28 7.93 -1.61
CA ASN E 181 -19.84 7.14 -0.45
C ASN E 181 -19.45 8.01 0.75
N MET E 182 -18.67 9.08 0.54
CA MET E 182 -18.52 10.08 1.58
C MET E 182 -20.01 10.35 1.66
N ALA E 183 -20.64 9.97 2.79
CA ALA E 183 -22.07 10.25 3.18
C ALA E 183 -22.84 9.00 3.63
N HIS F 2 -12.51 2.72 -16.42
CA HIS F 2 -13.14 3.45 -17.56
C HIS F 2 -14.36 2.73 -18.25
N GLY F 3 -15.31 2.23 -17.46
CA GLY F 3 -16.55 1.71 -18.02
C GLY F 3 -17.47 2.83 -18.48
N ARG F 4 -18.48 2.48 -19.28
CA ARG F 4 -19.36 3.46 -19.91
C ARG F 4 -20.54 2.74 -20.47
N ILE F 5 -21.59 3.50 -20.63
CA ILE F 5 -22.82 3.02 -21.23
C ILE F 5 -23.13 3.90 -22.45
N GLU F 6 -23.28 3.26 -23.59
CA GLU F 6 -23.64 3.93 -24.83
C GLU F 6 -24.96 3.37 -25.25
N LEU F 7 -25.86 4.25 -25.62
CA LEU F 7 -27.21 3.89 -25.94
C LEU F 7 -27.55 4.41 -27.35
N ILE F 8 -28.12 3.51 -28.14
CA ILE F 8 -28.54 3.77 -29.49
C ILE F 8 -30.04 3.54 -29.58
N ILE F 9 -30.80 4.58 -29.87
CA ILE F 9 -32.24 4.48 -29.91
C ILE F 9 -32.75 5.00 -31.23
N GLY F 10 -34.07 4.98 -31.40
CA GLY F 10 -34.69 5.40 -32.65
C GLY F 10 -35.75 4.39 -32.99
N PRO F 11 -36.57 4.67 -34.00
CA PRO F 11 -37.59 3.72 -34.44
C PRO F 11 -37.03 2.57 -35.24
N MET F 12 -37.90 1.65 -35.59
CA MET F 12 -37.51 0.50 -36.40
C MET F 12 -36.98 0.99 -37.73
N PHE F 13 -36.06 0.23 -38.29
CA PHE F 13 -35.52 0.47 -39.63
C PHE F 13 -34.63 1.69 -39.73
N ALA F 14 -34.09 2.07 -38.59
CA ALA F 14 -33.16 3.20 -38.49
C ALA F 14 -31.73 2.74 -38.53
N GLY F 15 -31.54 1.44 -38.53
CA GLY F 15 -30.20 0.84 -38.55
C GLY F 15 -29.53 0.83 -37.20
N LYS F 16 -30.31 0.79 -36.11
CA LYS F 16 -29.73 0.71 -34.78
C LYS F 16 -28.82 -0.50 -34.59
N THR F 17 -29.28 -1.65 -35.03
CA THR F 17 -28.48 -2.87 -34.91
C THR F 17 -27.19 -2.80 -35.75
N THR F 18 -27.31 -2.29 -36.95
CA THR F 18 -26.14 -2.02 -37.77
C THR F 18 -25.13 -1.15 -37.03
N GLU F 19 -25.61 -0.10 -36.37
CA GLU F 19 -24.72 0.84 -35.68
C GLU F 19 -24.06 0.19 -34.51
N LEU F 20 -24.82 -0.64 -33.81
CA LEU F 20 -24.29 -1.45 -32.71
C LEU F 20 -23.12 -2.26 -33.19
N MET F 21 -23.33 -2.94 -34.30
CA MET F 21 -22.34 -3.81 -34.86
C MET F 21 -21.16 -3.06 -35.37
N ARG F 22 -21.40 -1.89 -35.95
CA ARG F 22 -20.30 -1.05 -36.42
C ARG F 22 -19.39 -0.75 -35.26
N ARG F 23 -19.98 -0.43 -34.11
CA ARG F 23 -19.17 -0.06 -32.95
C ARG F 23 -18.42 -1.25 -32.40
N VAL F 24 -19.11 -2.38 -32.31
CA VAL F 24 -18.49 -3.63 -31.85
C VAL F 24 -17.29 -4.01 -32.74
N GLN F 25 -17.50 -3.95 -34.04
CA GLN F 25 -16.42 -4.25 -34.98
C GLN F 25 -15.20 -3.39 -34.76
N ARG F 26 -15.40 -2.11 -34.44
CA ARG F 26 -14.26 -1.22 -34.18
C ARG F 26 -13.42 -1.73 -33.05
N HIS F 27 -14.08 -2.16 -31.98
CA HIS F 27 -13.36 -2.71 -30.83
C HIS F 27 -12.68 -4.02 -31.15
N LYS F 28 -13.37 -4.88 -31.92
CA LYS F 28 -12.82 -6.14 -32.36
C LYS F 28 -11.51 -5.96 -33.13
N HIS F 29 -11.45 -4.96 -34.00
CA HIS F 29 -10.21 -4.68 -34.74
C HIS F 29 -9.06 -4.29 -33.86
N ALA F 30 -9.36 -3.72 -32.71
CA ALA F 30 -8.32 -3.42 -31.73
C ALA F 30 -8.10 -4.53 -30.72
N GLN F 31 -8.51 -5.75 -31.07
CA GLN F 31 -8.31 -6.93 -30.22
C GLN F 31 -8.99 -6.81 -28.86
N ARG F 32 -10.14 -6.15 -28.79
CA ARG F 32 -10.88 -6.12 -27.57
C ARG F 32 -11.96 -7.17 -27.66
N SER F 33 -12.25 -7.82 -26.55
CA SER F 33 -13.17 -8.96 -26.56
C SER F 33 -14.60 -8.41 -26.40
N CYS F 34 -15.51 -8.95 -27.21
CA CYS F 34 -16.89 -8.49 -27.22
C CYS F 34 -17.88 -9.62 -26.99
N TYR F 35 -18.88 -9.36 -26.17
CA TYR F 35 -19.86 -10.36 -25.80
C TYR F 35 -21.18 -9.80 -26.22
N ILE F 36 -21.85 -10.51 -27.12
CA ILE F 36 -23.08 -10.03 -27.72
C ILE F 36 -24.29 -10.82 -27.19
N ILE F 37 -25.21 -10.07 -26.60
CA ILE F 37 -26.41 -10.60 -26.00
C ILE F 37 -27.60 -10.23 -26.88
N LYS F 38 -28.37 -11.26 -27.23
CA LYS F 38 -29.60 -11.14 -28.03
C LYS F 38 -30.77 -11.69 -27.18
N TYR F 39 -31.98 -11.33 -27.58
CA TYR F 39 -33.19 -11.76 -26.88
C TYR F 39 -33.71 -13.05 -27.47
N THR F 40 -34.29 -13.90 -26.65
CA THR F 40 -34.81 -15.18 -27.21
C THR F 40 -35.72 -15.13 -28.43
N GLY F 41 -36.85 -14.43 -28.28
CA GLY F 41 -37.79 -14.19 -29.39
C GLY F 41 -37.18 -13.74 -30.70
N ASP F 42 -36.28 -12.77 -30.65
CA ASP F 42 -35.76 -12.06 -31.86
C ASP F 42 -35.29 -13.00 -33.00
N THR F 43 -35.67 -12.69 -34.24
CA THR F 43 -35.41 -13.56 -35.41
C THR F 43 -34.64 -12.78 -36.51
N ARG F 44 -33.84 -11.80 -36.07
CA ARG F 44 -33.06 -10.92 -36.95
C ARG F 44 -31.56 -11.20 -36.85
N THR F 59 -22.38 -11.85 -34.24
CA THR F 59 -23.53 -12.20 -33.41
C THR F 59 -23.53 -13.70 -33.34
N ALA F 60 -24.04 -14.28 -32.28
CA ALA F 60 -24.33 -13.64 -31.04
C ALA F 60 -23.52 -14.59 -30.13
N ASN F 61 -23.38 -14.22 -28.90
CA ASN F 61 -22.78 -15.08 -27.88
C ASN F 61 -23.83 -15.85 -27.15
N VAL F 62 -24.90 -15.18 -26.74
CA VAL F 62 -25.95 -15.89 -26.08
C VAL F 62 -27.26 -15.22 -26.40
N SER F 63 -28.31 -16.01 -26.29
CA SER F 63 -29.65 -15.50 -26.36
C SER F 63 -30.30 -15.81 -25.05
N VAL F 64 -30.92 -14.81 -24.44
CA VAL F 64 -31.60 -14.99 -23.16
C VAL F 64 -32.84 -14.14 -23.15
N SER F 65 -33.66 -14.37 -22.15
CA SER F 65 -34.96 -13.74 -22.01
C SER F 65 -34.87 -12.65 -20.98
N ASN F 66 -33.89 -12.78 -20.11
CA ASN F 66 -33.49 -11.67 -19.28
C ASN F 66 -32.02 -11.74 -18.93
N LEU F 67 -31.48 -10.63 -18.47
CA LEU F 67 -30.02 -10.51 -18.38
C LEU F 67 -29.42 -11.21 -17.17
N HIS F 68 -30.24 -11.49 -16.16
CA HIS F 68 -29.81 -12.33 -15.06
C HIS F 68 -29.32 -13.69 -15.56
N ASP F 69 -30.01 -14.22 -16.57
CA ASP F 69 -29.72 -15.52 -17.11
C ASP F 69 -28.38 -15.63 -17.83
N VAL F 70 -27.71 -14.52 -18.05
CA VAL F 70 -26.39 -14.55 -18.67
C VAL F 70 -25.34 -14.94 -17.63
N GLY F 71 -25.69 -14.80 -16.38
CA GLY F 71 -24.75 -15.11 -15.32
C GLY F 71 -23.55 -14.19 -15.36
N ASP F 72 -22.38 -14.74 -15.13
CA ASP F 72 -21.16 -13.95 -14.95
C ASP F 72 -20.20 -14.03 -16.12
N GLU F 73 -20.63 -14.67 -17.21
CA GLU F 73 -19.72 -14.92 -18.34
C GLU F 73 -19.18 -13.61 -18.94
N TRP F 74 -20.07 -12.62 -18.98
CA TRP F 74 -19.75 -11.28 -19.44
C TRP F 74 -18.55 -10.64 -18.78
N ARG F 75 -18.20 -11.05 -17.57
CA ARG F 75 -17.06 -10.42 -16.87
C ARG F 75 -15.73 -10.68 -17.58
N LYS F 76 -15.66 -11.72 -18.40
CA LYS F 76 -14.42 -12.08 -19.08
C LYS F 76 -14.14 -11.20 -20.32
N TYR F 77 -15.02 -10.24 -20.62
CA TYR F 77 -14.97 -9.45 -21.87
C TYR F 77 -14.84 -7.92 -21.64
N ASP F 78 -14.29 -7.23 -22.64
CA ASP F 78 -14.08 -5.78 -22.57
C ASP F 78 -15.31 -4.99 -22.91
N VAL F 79 -16.05 -5.50 -23.88
CA VAL F 79 -17.24 -4.85 -24.41
C VAL F 79 -18.43 -5.78 -24.32
N ILE F 80 -19.56 -5.24 -23.87
CA ILE F 80 -20.81 -5.96 -23.79
C ILE F 80 -21.78 -5.25 -24.69
N ALA F 81 -22.39 -5.98 -25.62
CA ALA F 81 -23.39 -5.41 -26.53
C ALA F 81 -24.72 -6.07 -26.31
N VAL F 82 -25.75 -5.27 -26.11
CA VAL F 82 -27.09 -5.78 -25.94
C VAL F 82 -27.94 -5.25 -27.07
N ASP F 83 -28.48 -6.18 -27.84
CA ASP F 83 -29.37 -5.85 -28.97
C ASP F 83 -30.84 -5.99 -28.52
N GLU F 84 -31.73 -5.15 -29.04
CA GLU F 84 -33.15 -5.20 -28.69
C GLU F 84 -33.38 -5.01 -27.19
N GLY F 85 -32.75 -3.99 -26.64
CA GLY F 85 -32.80 -3.73 -25.23
C GLY F 85 -34.18 -3.56 -24.63
N GLN F 86 -35.14 -3.08 -25.42
CA GLN F 86 -36.50 -2.91 -24.93
C GLN F 86 -37.17 -4.21 -24.43
N PHE F 87 -36.68 -5.35 -24.90
CA PHE F 87 -37.24 -6.64 -24.52
C PHE F 87 -36.75 -7.13 -23.17
N PHE F 88 -35.68 -6.56 -22.64
CA PHE F 88 -35.15 -7.02 -21.35
C PHE F 88 -35.64 -6.16 -20.20
N PRO F 89 -36.42 -6.73 -19.29
CA PRO F 89 -36.97 -5.88 -18.24
C PRO F 89 -35.96 -5.41 -17.19
N ASP F 90 -34.76 -5.99 -17.14
CA ASP F 90 -33.77 -5.60 -16.14
C ASP F 90 -32.52 -4.91 -16.75
N VAL F 91 -32.70 -4.35 -17.95
CA VAL F 91 -31.53 -3.89 -18.71
C VAL F 91 -30.76 -2.76 -18.04
N ALA F 92 -31.47 -1.88 -17.36
CA ALA F 92 -30.81 -0.73 -16.74
C ALA F 92 -29.83 -1.18 -15.65
N ALA F 93 -30.32 -2.03 -14.77
CA ALA F 93 -29.50 -2.60 -13.69
C ALA F 93 -28.28 -3.36 -14.23
N PHE F 94 -28.52 -4.18 -15.23
CA PHE F 94 -27.42 -4.91 -15.86
C PHE F 94 -26.35 -3.99 -16.41
N CYS F 95 -26.77 -2.99 -17.17
CA CYS F 95 -25.80 -2.10 -17.80
C CYS F 95 -25.00 -1.32 -16.79
N SER F 96 -25.67 -0.86 -15.75
CA SER F 96 -24.99 -0.15 -14.65
C SER F 96 -23.97 -1.04 -13.94
N LYS F 97 -24.35 -2.28 -13.63
CA LYS F 97 -23.44 -3.23 -13.00
C LYS F 97 -22.20 -3.43 -13.86
N ALA F 98 -22.43 -3.69 -15.13
CA ALA F 98 -21.32 -3.94 -16.05
C ALA F 98 -20.42 -2.72 -16.20
N ALA F 99 -21.02 -1.55 -16.34
CA ALA F 99 -20.24 -0.34 -16.54
C ALA F 99 -19.45 0.00 -15.29
N ASP F 100 -20.03 -0.24 -14.11
CA ASP F 100 -19.28 -0.11 -12.84
C ASP F 100 -18.11 -1.08 -12.71
N SER F 101 -18.19 -2.23 -13.38
CA SER F 101 -17.06 -3.15 -13.43
C SER F 101 -16.08 -2.83 -14.53
N GLY F 102 -16.24 -1.70 -15.20
CA GLY F 102 -15.24 -1.24 -16.19
C GLY F 102 -15.53 -1.62 -17.62
N LYS F 103 -16.71 -2.19 -17.87
CA LYS F 103 -17.05 -2.62 -19.23
C LYS F 103 -17.59 -1.45 -20.04
N VAL F 104 -17.30 -1.50 -21.33
CA VAL F 104 -17.98 -0.66 -22.30
C VAL F 104 -19.25 -1.41 -22.67
N VAL F 105 -20.37 -0.78 -22.37
CA VAL F 105 -21.69 -1.39 -22.57
C VAL F 105 -22.40 -0.62 -23.66
N ILE F 106 -22.83 -1.32 -24.72
CA ILE F 106 -23.46 -0.71 -25.87
C ILE F 106 -24.80 -1.36 -26.02
N VAL F 107 -25.84 -0.54 -26.07
CA VAL F 107 -27.20 -1.03 -26.11
C VAL F 107 -27.92 -0.44 -27.28
N SER F 108 -28.55 -1.29 -28.08
CA SER F 108 -29.43 -0.86 -29.16
C SER F 108 -30.84 -1.18 -28.74
N ALA F 109 -31.75 -0.23 -28.90
CA ALA F 109 -33.11 -0.40 -28.38
C ALA F 109 -34.08 0.61 -28.95
N LEU F 110 -35.35 0.24 -28.99
CA LEU F 110 -36.40 1.14 -29.26
C LEU F 110 -36.63 1.98 -28.04
N ASP F 111 -36.81 3.26 -28.26
CA ASP F 111 -37.18 4.15 -27.19
C ASP F 111 -38.68 4.19 -27.01
N ALA F 112 -39.41 3.94 -28.10
CA ALA F 112 -40.89 4.08 -28.13
C ALA F 112 -41.57 2.88 -28.75
N ASP F 113 -42.73 2.55 -28.23
CA ASP F 113 -43.51 1.45 -28.77
C ASP F 113 -44.38 1.96 -29.89
N TYR F 114 -45.17 1.07 -30.47
CA TYR F 114 -46.02 1.43 -31.59
C TYR F 114 -47.11 2.43 -31.29
N LEU F 115 -47.33 2.72 -30.01
CA LEU F 115 -48.31 3.71 -29.56
C LEU F 115 -47.63 4.99 -29.15
N GLN F 116 -46.36 5.13 -29.48
CA GLN F 116 -45.56 6.30 -29.12
C GLN F 116 -45.33 6.45 -27.62
N GLU F 117 -45.51 5.36 -26.87
CA GLU F 117 -45.28 5.40 -25.44
C GLU F 117 -43.87 4.90 -25.20
N PRO F 118 -43.20 5.47 -24.21
CA PRO F 118 -41.82 5.06 -23.94
C PRO F 118 -41.69 3.68 -23.32
N PHE F 119 -40.64 2.97 -23.68
CA PHE F 119 -40.21 1.82 -22.93
C PHE F 119 -39.47 2.35 -21.70
N GLU F 120 -40.08 2.23 -20.54
CA GLU F 120 -39.66 2.92 -19.31
C GLU F 120 -38.41 2.50 -18.68
N GLU F 121 -37.88 1.36 -19.15
CA GLU F 121 -36.56 0.89 -18.80
C GLU F 121 -35.44 1.52 -19.67
N ILE F 122 -35.74 1.76 -20.94
CA ILE F 122 -34.83 2.42 -21.85
C ILE F 122 -34.69 3.89 -21.53
N CYS F 123 -35.81 4.52 -21.26
CA CYS F 123 -35.83 5.92 -20.79
C CYS F 123 -35.00 6.11 -19.55
N LEU F 124 -35.05 5.17 -18.68
CA LEU F 124 -34.23 5.16 -17.48
C LEU F 124 -32.75 5.03 -17.80
N LEU F 125 -32.46 4.19 -18.79
CA LEU F 125 -31.10 4.02 -19.30
C LEU F 125 -30.54 5.36 -19.82
N VAL F 126 -31.38 6.09 -20.54
CA VAL F 126 -31.00 7.41 -21.05
C VAL F 126 -30.29 8.20 -19.98
N SER F 127 -30.92 8.21 -18.82
CA SER F 127 -30.43 8.96 -17.68
C SER F 127 -29.12 8.45 -17.09
N ARG F 128 -28.79 7.21 -17.36
CA ARG F 128 -27.55 6.62 -16.88
C ARG F 128 -26.47 6.53 -17.89
N ALA F 129 -26.75 6.96 -19.11
CA ALA F 129 -25.82 6.74 -20.23
C ALA F 129 -24.84 7.85 -20.42
N ASP F 130 -23.63 7.48 -20.81
CA ASP F 130 -22.62 8.48 -21.18
C ASP F 130 -22.92 9.07 -22.53
N SER F 131 -23.59 8.31 -23.37
CA SER F 131 -23.76 8.65 -24.76
C SER F 131 -25.16 8.22 -25.16
N VAL F 132 -25.89 9.11 -25.86
CA VAL F 132 -27.20 8.73 -26.36
C VAL F 132 -27.32 9.25 -27.74
N VAL F 133 -27.68 8.38 -28.65
CA VAL F 133 -27.82 8.75 -30.06
C VAL F 133 -29.14 8.24 -30.48
N LYS F 134 -29.97 9.11 -31.02
CA LYS F 134 -31.27 8.69 -31.53
C LYS F 134 -31.21 8.75 -33.06
N LEU F 135 -31.23 7.59 -33.68
CA LEU F 135 -31.21 7.49 -35.13
C LEU F 135 -32.59 7.69 -35.70
N SER F 136 -32.65 8.03 -36.97
CA SER F 136 -33.92 8.14 -37.65
C SER F 136 -33.96 7.11 -38.77
N ALA F 137 -35.17 6.82 -39.20
CA ALA F 137 -35.44 6.01 -40.38
C ALA F 137 -35.94 6.95 -41.47
N VAL F 138 -36.35 6.38 -42.61
CA VAL F 138 -37.00 7.13 -43.66
C VAL F 138 -38.46 6.74 -43.67
N CYS F 139 -39.35 7.73 -43.82
CA CYS F 139 -40.77 7.47 -43.75
C CYS F 139 -41.18 6.52 -44.85
N MET F 140 -41.74 5.37 -44.46
CA MET F 140 -42.11 4.31 -45.42
C MET F 140 -43.46 4.56 -46.08
N GLU F 141 -44.18 5.56 -45.58
CA GLU F 141 -45.49 5.94 -46.09
C GLU F 141 -45.36 7.04 -47.13
N CYS F 142 -44.74 8.16 -46.78
CA CYS F 142 -44.62 9.27 -47.72
C CYS F 142 -43.32 9.28 -48.48
N HIS F 143 -42.31 8.61 -47.95
CA HIS F 143 -41.05 8.46 -48.66
C HIS F 143 -40.23 9.72 -48.77
N ASN F 144 -40.69 10.78 -48.13
CA ASN F 144 -40.13 12.12 -48.30
C ASN F 144 -39.45 12.77 -47.08
N ARG F 145 -39.66 12.21 -45.89
CA ARG F 145 -39.17 12.81 -44.66
C ARG F 145 -38.49 11.77 -43.83
N LYS F 146 -37.72 12.27 -42.86
CA LYS F 146 -37.16 11.42 -41.83
C LYS F 146 -38.27 10.92 -40.95
N ALA F 147 -38.08 9.70 -40.47
CA ALA F 147 -39.06 9.04 -39.64
C ALA F 147 -38.49 8.77 -38.26
N SER F 148 -39.24 9.19 -37.24
CA SER F 148 -38.87 8.95 -35.84
C SER F 148 -39.83 8.04 -35.07
N PHE F 149 -40.80 7.44 -35.76
CA PHE F 149 -41.85 6.66 -35.10
C PHE F 149 -42.10 5.33 -35.82
N THR F 150 -42.58 4.37 -35.06
CA THR F 150 -42.89 3.08 -35.60
C THR F 150 -44.37 2.87 -35.52
N TYR F 151 -44.96 2.51 -36.65
CA TYR F 151 -46.39 2.24 -36.74
C TYR F 151 -46.58 0.76 -36.96
N ARG F 152 -47.48 0.16 -36.19
CA ARG F 152 -47.82 -1.28 -36.36
C ARG F 152 -48.90 -1.48 -37.41
N THR F 153 -48.64 -2.32 -38.41
CA THR F 153 -49.53 -2.46 -39.56
C THR F 153 -50.47 -3.66 -39.42
N VAL F 154 -50.34 -4.44 -38.36
CA VAL F 154 -51.23 -5.54 -38.09
C VAL F 154 -51.98 -5.24 -36.79
N LYS F 155 -53.20 -5.77 -36.69
CA LYS F 155 -54.06 -5.59 -35.52
C LYS F 155 -53.52 -6.54 -34.46
N SER F 156 -53.11 -5.98 -33.33
CA SER F 156 -52.68 -6.74 -32.16
C SER F 156 -52.44 -5.74 -31.05
N ASP F 157 -52.86 -6.13 -29.85
CA ASP F 157 -52.70 -5.31 -28.63
C ASP F 157 -51.55 -5.77 -27.75
N GLU F 158 -50.82 -6.80 -28.18
CA GLU F 158 -49.65 -7.26 -27.43
C GLU F 158 -48.56 -6.21 -27.55
N ARG F 159 -48.04 -5.69 -26.44
CA ARG F 159 -47.02 -4.66 -26.54
C ARG F 159 -45.77 -5.28 -27.16
N LYS F 160 -45.41 -6.48 -26.72
CA LYS F 160 -44.31 -7.23 -27.36
C LYS F 160 -44.88 -8.08 -28.50
N LEU F 161 -44.41 -7.82 -29.72
CA LEU F 161 -44.79 -8.58 -30.90
C LEU F 161 -43.61 -8.52 -31.86
N VAL F 162 -42.83 -9.59 -31.86
CA VAL F 162 -41.63 -9.68 -32.66
C VAL F 162 -41.95 -9.78 -34.15
N GLY F 163 -41.26 -8.99 -34.96
CA GLY F 163 -41.49 -9.00 -36.41
C GLY F 163 -40.83 -7.85 -37.11
N GLY F 164 -41.00 -7.81 -38.43
CA GLY F 164 -40.30 -6.89 -39.33
C GLY F 164 -41.25 -6.03 -40.11
N SER F 165 -40.90 -5.78 -41.37
CA SER F 165 -41.74 -4.94 -42.26
C SER F 165 -43.08 -5.58 -42.63
N ASP F 166 -43.28 -6.86 -42.31
CA ASP F 166 -44.59 -7.49 -42.42
C ASP F 166 -45.56 -7.05 -41.34
N MET F 167 -45.05 -6.51 -40.24
CA MET F 167 -45.89 -6.07 -39.12
C MET F 167 -45.73 -4.62 -38.71
N TYR F 168 -44.70 -3.96 -39.22
CA TYR F 168 -44.40 -2.59 -38.82
C TYR F 168 -43.85 -1.78 -39.98
N MET F 169 -44.07 -0.49 -39.93
CA MET F 169 -43.34 0.45 -40.79
C MET F 169 -42.95 1.70 -39.97
N SER F 170 -41.89 2.36 -40.41
CA SER F 170 -41.44 3.56 -39.74
C SER F 170 -42.02 4.76 -40.46
N VAL F 171 -42.45 5.74 -39.70
CA VAL F 171 -43.14 6.88 -40.26
C VAL F 171 -42.73 8.20 -39.61
N CYS F 172 -42.92 9.27 -40.37
CA CYS F 172 -42.70 10.62 -39.88
C CYS F 172 -43.88 11.01 -38.97
N ARG F 173 -43.78 12.16 -38.32
CA ARG F 173 -44.78 12.58 -37.34
C ARG F 173 -46.17 12.70 -37.95
N SER F 174 -46.27 13.35 -39.10
CA SER F 174 -47.59 13.59 -39.70
C SER F 174 -48.21 12.33 -40.28
N CYS F 175 -47.40 11.48 -40.89
CA CYS F 175 -47.88 10.17 -41.35
C CYS F 175 -48.39 9.35 -40.18
N TYR F 176 -47.66 9.36 -39.06
CA TYR F 176 -48.12 8.62 -37.91
C TYR F 176 -49.52 9.08 -37.51
N GLU F 177 -49.77 10.39 -37.52
CA GLU F 177 -51.09 10.95 -37.14
C GLU F 177 -52.18 10.50 -38.10
N THR F 178 -51.92 10.65 -39.39
CA THR F 178 -52.91 10.36 -40.43
C THR F 178 -53.25 8.87 -40.36
N LYS F 179 -52.25 8.02 -40.28
CA LYS F 179 -52.50 6.59 -40.22
C LYS F 179 -53.28 6.20 -38.98
N ARG F 180 -52.99 6.87 -37.86
CA ARG F 180 -53.70 6.63 -36.61
C ARG F 180 -55.04 7.40 -36.79
N ASN F 181 -55.74 7.25 -37.93
CA ASN F 181 -57.09 7.79 -38.15
C ASN F 181 -57.77 7.01 -39.36
N MET F 182 -58.17 5.77 -39.05
CA MET F 182 -58.90 4.84 -39.95
C MET F 182 -58.15 4.43 -41.24
#